data_1V6S
#
_entry.id   1V6S
#
_cell.length_a   143.175
_cell.length_b   143.175
_cell.length_c   75.641
_cell.angle_alpha   90.00
_cell.angle_beta   90.00
_cell.angle_gamma   120.00
#
_symmetry.space_group_name_H-M   'P 65'
#
loop_
_entity.id
_entity.type
_entity.pdbx_description
1 polymer 'Phosphoglycerate kinase'
2 non-polymer 'SODIUM ION'
3 non-polymer GLYCEROL
4 water water
#
_entity_poly.entity_id   1
_entity_poly.type   'polypeptide(L)'
_entity_poly.pdbx_seq_one_letter_code
;MRTLLDLDPKGKRVLVRVDYNVPVQDGKVQDETRILESLPTLRHLLAGGASLVLLSHLGRPKGPDPKYSLAPVGEALRAH
LPEARFAPFPPGSEEARREAEALRPGEVLLLENVRFEPGEEKNDPELSARYARLGEAFVLDAFGSAHRAHASVVGVARLL
PAYAGFLMEKEVRALSRLLKDPERPYAVVLGGAKVSDKIGVIESLLPRIDRLLIGGAMAFTFLKALGGEVGRSLVEEDRL
DLAKDLLGRAEALGVRVYLPEDVVAAERIEAGVETRVFPARAIPVPYMGLDIGPKTREAFARALEGARTVFWNGPMGVFE
VPPFDEGTLAVGQAIAALEGAFTVVGGGDSVAAVNRLGLKERFGHVSTGGGASLEFLEKGTLPGLEVLEG
;
_entity_poly.pdbx_strand_id   A,B
#
loop_
_chem_comp.id
_chem_comp.type
_chem_comp.name
_chem_comp.formula
GOL non-polymer GLYCEROL 'C3 H8 O3'
NA non-polymer 'SODIUM ION' 'Na 1'
#
# COMPACT_ATOMS: atom_id res chain seq x y z
N MET A 1 20.29 -28.60 21.78
CA MET A 1 19.22 -28.54 20.74
C MET A 1 19.79 -28.99 19.41
N ARG A 2 19.04 -29.84 18.70
CA ARG A 2 19.49 -30.33 17.40
C ARG A 2 19.36 -29.20 16.39
N THR A 3 20.45 -28.90 15.70
CA THR A 3 20.44 -27.84 14.71
C THR A 3 20.41 -28.37 13.28
N LEU A 4 20.25 -27.46 12.32
CA LEU A 4 20.08 -27.87 10.93
C LEU A 4 21.09 -28.80 10.28
N LEU A 5 22.37 -28.63 10.56
CA LEU A 5 23.36 -29.49 9.92
C LEU A 5 23.39 -30.93 10.46
N ASP A 6 22.64 -31.20 11.51
CA ASP A 6 22.60 -32.55 12.07
C ASP A 6 21.79 -33.47 11.16
N LEU A 7 21.04 -32.86 10.25
CA LEU A 7 20.19 -33.61 9.32
C LEU A 7 20.87 -33.83 7.97
N ASP A 8 20.80 -35.05 7.47
CA ASP A 8 21.35 -35.38 6.16
C ASP A 8 20.11 -35.37 5.27
N PRO A 9 19.91 -34.29 4.52
CA PRO A 9 18.76 -34.12 3.62
C PRO A 9 18.81 -34.80 2.26
N LYS A 10 19.95 -35.38 1.90
CA LYS A 10 20.08 -36.01 0.59
C LYS A 10 19.02 -37.07 0.29
N GLY A 11 18.29 -36.86 -0.79
CA GLY A 11 17.25 -37.78 -1.22
C GLY A 11 16.03 -37.88 -0.34
N LYS A 12 15.85 -36.90 0.55
CA LYS A 12 14.71 -36.91 1.45
C LYS A 12 13.73 -35.77 1.20
N ARG A 13 12.47 -35.99 1.52
CA ARG A 13 11.47 -34.95 1.41
C ARG A 13 11.41 -34.45 2.85
N VAL A 14 11.72 -33.17 3.04
CA VAL A 14 11.73 -32.59 4.39
C VAL A 14 10.58 -31.63 4.61
N LEU A 15 9.91 -31.81 5.75
CA LEU A 15 8.79 -30.99 6.16
C LEU A 15 9.34 -29.83 7.00
N VAL A 16 9.03 -28.61 6.61
CA VAL A 16 9.52 -27.43 7.32
C VAL A 16 8.40 -26.53 7.82
N ARG A 17 8.37 -26.26 9.11
CA ARG A 17 7.37 -25.34 9.66
C ARG A 17 8.03 -23.98 9.65
N VAL A 18 7.53 -23.11 8.79
CA VAL A 18 8.06 -21.76 8.65
C VAL A 18 7.07 -20.76 9.21
N ASP A 19 7.50 -19.51 9.32
CA ASP A 19 6.63 -18.43 9.79
C ASP A 19 6.42 -17.48 8.63
N TYR A 20 5.32 -17.66 7.91
CA TYR A 20 4.99 -16.78 6.80
C TYR A 20 3.72 -16.00 7.16
N ASN A 21 3.58 -15.68 8.44
CA ASN A 21 2.43 -14.93 8.92
C ASN A 21 2.69 -13.45 8.67
N VAL A 22 2.64 -13.09 7.40
CA VAL A 22 2.91 -11.73 6.95
C VAL A 22 1.65 -10.91 6.70
N PRO A 23 1.78 -9.58 6.67
CA PRO A 23 0.61 -8.74 6.44
C PRO A 23 0.17 -8.88 4.98
N VAL A 24 -1.13 -9.04 4.77
CA VAL A 24 -1.68 -9.20 3.43
C VAL A 24 -2.84 -8.23 3.23
N GLN A 25 -2.89 -7.63 2.04
CA GLN A 25 -3.94 -6.67 1.71
C GLN A 25 -4.30 -6.82 0.24
N ASP A 26 -5.60 -6.96 -0.03
CA ASP A 26 -6.08 -7.11 -1.39
C ASP A 26 -5.36 -8.21 -2.15
N GLY A 27 -5.16 -9.35 -1.48
CA GLY A 27 -4.50 -10.48 -2.10
C GLY A 27 -3.02 -10.30 -2.38
N LYS A 28 -2.38 -9.36 -1.69
CA LYS A 28 -0.96 -9.12 -1.88
C LYS A 28 -0.20 -9.01 -0.57
N VAL A 29 0.96 -9.66 -0.50
CA VAL A 29 1.80 -9.60 0.69
C VAL A 29 2.33 -8.17 0.77
N GLN A 30 2.16 -7.53 1.93
CA GLN A 30 2.61 -6.15 2.11
C GLN A 30 4.04 -6.01 2.62
N ASP A 31 4.55 -7.07 3.24
CA ASP A 31 5.90 -7.08 3.78
C ASP A 31 6.37 -8.53 3.71
N GLU A 32 7.34 -8.81 2.84
CA GLU A 32 7.84 -10.17 2.69
C GLU A 32 9.07 -10.52 3.52
N THR A 33 9.42 -9.65 4.46
CA THR A 33 10.58 -9.88 5.31
C THR A 33 10.65 -11.31 5.86
N ARG A 34 9.55 -11.79 6.44
CA ARG A 34 9.54 -13.14 7.01
C ARG A 34 9.84 -14.22 5.98
N ILE A 35 9.37 -14.01 4.76
CA ILE A 35 9.64 -14.98 3.70
C ILE A 35 11.12 -14.98 3.37
N LEU A 36 11.70 -13.79 3.25
CA LEU A 36 13.12 -13.67 2.93
C LEU A 36 13.98 -14.34 4.00
N GLU A 37 13.61 -14.14 5.26
CA GLU A 37 14.36 -14.71 6.38
C GLU A 37 14.37 -16.24 6.43
N SER A 38 13.40 -16.87 5.76
CA SER A 38 13.32 -18.34 5.75
C SER A 38 14.20 -18.93 4.67
N LEU A 39 14.63 -18.09 3.72
CA LEU A 39 15.42 -18.59 2.60
C LEU A 39 16.71 -19.35 2.91
N PRO A 40 17.52 -18.88 3.87
CA PRO A 40 18.75 -19.63 4.15
C PRO A 40 18.51 -21.10 4.50
N THR A 41 17.52 -21.37 5.34
CA THR A 41 17.22 -22.74 5.72
C THR A 41 16.81 -23.55 4.48
N LEU A 42 15.94 -22.99 3.67
CA LEU A 42 15.46 -23.68 2.48
C LEU A 42 16.59 -23.94 1.49
N ARG A 43 17.41 -22.92 1.25
CA ARG A 43 18.54 -23.05 0.33
C ARG A 43 19.48 -24.15 0.79
N HIS A 44 19.76 -24.20 2.09
CA HIS A 44 20.67 -25.23 2.59
C HIS A 44 20.12 -26.62 2.29
N LEU A 45 18.84 -26.82 2.59
CA LEU A 45 18.21 -28.12 2.36
C LEU A 45 18.17 -28.50 0.88
N LEU A 46 17.86 -27.53 0.02
CA LEU A 46 17.80 -27.78 -1.42
C LEU A 46 19.20 -28.08 -1.97
N ALA A 47 20.22 -27.42 -1.43
CA ALA A 47 21.58 -27.66 -1.88
C ALA A 47 22.02 -29.04 -1.40
N GLY A 48 21.37 -29.52 -0.34
CA GLY A 48 21.69 -30.81 0.22
C GLY A 48 21.01 -31.97 -0.49
N GLY A 49 20.19 -31.67 -1.49
CA GLY A 49 19.52 -32.72 -2.24
C GLY A 49 18.13 -33.14 -1.78
N ALA A 50 17.40 -32.23 -1.13
CA ALA A 50 16.06 -32.57 -0.66
C ALA A 50 14.96 -31.88 -1.44
N SER A 51 13.73 -32.32 -1.18
CA SER A 51 12.54 -31.70 -1.75
C SER A 51 11.93 -31.14 -0.47
N LEU A 52 11.11 -30.11 -0.58
CA LEU A 52 10.55 -29.50 0.61
C LEU A 52 9.05 -29.27 0.64
N VAL A 53 8.45 -29.53 1.79
CA VAL A 53 7.03 -29.28 2.00
C VAL A 53 7.01 -28.25 3.12
N LEU A 54 6.40 -27.09 2.86
CA LEU A 54 6.34 -26.01 3.84
C LEU A 54 4.97 -25.82 4.46
N LEU A 55 4.98 -25.60 5.77
CA LEU A 55 3.75 -25.36 6.52
C LEU A 55 3.86 -24.03 7.25
N SER A 56 2.78 -23.26 7.25
CA SER A 56 2.77 -22.00 7.97
C SER A 56 1.37 -21.63 8.42
N HIS A 57 1.29 -20.76 9.42
CA HIS A 57 0.01 -20.25 9.87
C HIS A 57 -0.07 -18.87 9.22
N LEU A 58 -1.27 -18.28 9.24
CA LEU A 58 -1.50 -16.94 8.72
C LEU A 58 -2.68 -16.43 9.53
N GLY A 59 -2.46 -15.38 10.30
CA GLY A 59 -3.51 -14.85 11.16
C GLY A 59 -3.86 -15.92 12.18
N ARG A 60 -5.06 -15.82 12.77
CA ARG A 60 -5.48 -16.84 13.73
C ARG A 60 -6.94 -17.20 13.52
N PRO A 61 -7.29 -17.60 12.29
CA PRO A 61 -8.67 -17.97 11.99
C PRO A 61 -9.01 -19.29 12.67
N LYS A 62 -10.28 -19.45 13.03
CA LYS A 62 -10.73 -20.68 13.65
C LYS A 62 -11.31 -21.52 12.53
N GLY A 63 -10.43 -22.05 11.69
CA GLY A 63 -10.89 -22.86 10.58
C GLY A 63 -10.57 -22.26 9.22
N PRO A 64 -11.13 -22.83 8.15
CA PRO A 64 -10.90 -22.38 6.77
C PRO A 64 -11.51 -21.05 6.35
N ASP A 65 -10.94 -19.97 6.84
CA ASP A 65 -11.39 -18.62 6.51
C ASP A 65 -10.60 -18.19 5.27
N PRO A 66 -11.27 -18.03 4.12
CA PRO A 66 -10.58 -17.63 2.89
C PRO A 66 -9.74 -16.35 2.97
N LYS A 67 -10.07 -15.47 3.91
CA LYS A 67 -9.31 -14.24 4.07
C LYS A 67 -7.87 -14.56 4.47
N TYR A 68 -7.68 -15.72 5.08
CA TYR A 68 -6.34 -16.11 5.54
C TYR A 68 -5.69 -17.25 4.76
N SER A 69 -6.00 -17.35 3.49
CA SER A 69 -5.37 -18.35 2.65
C SER A 69 -3.93 -17.91 2.38
N LEU A 70 -3.03 -18.87 2.28
CA LEU A 70 -1.62 -18.57 2.02
C LEU A 70 -1.31 -18.35 0.54
N ALA A 71 -2.35 -18.34 -0.30
CA ALA A 71 -2.12 -18.15 -1.73
C ALA A 71 -1.23 -16.95 -2.07
N PRO A 72 -1.47 -15.78 -1.46
CA PRO A 72 -0.64 -14.60 -1.76
C PRO A 72 0.81 -14.84 -1.36
N VAL A 73 1.01 -15.57 -0.27
CA VAL A 73 2.36 -15.86 0.21
C VAL A 73 3.04 -16.79 -0.78
N GLY A 74 2.29 -17.72 -1.36
CA GLY A 74 2.88 -18.63 -2.32
C GLY A 74 3.44 -17.86 -3.52
N GLU A 75 2.72 -16.82 -3.93
CA GLU A 75 3.14 -16.00 -5.06
C GLU A 75 4.44 -15.28 -4.73
N ALA A 76 4.49 -14.66 -3.55
CA ALA A 76 5.68 -13.94 -3.13
C ALA A 76 6.88 -14.87 -3.03
N LEU A 77 6.65 -16.08 -2.52
CA LEU A 77 7.72 -17.06 -2.37
C LEU A 77 8.27 -17.50 -3.73
N ARG A 78 7.36 -17.80 -4.65
CA ARG A 78 7.75 -18.26 -5.98
C ARG A 78 8.61 -17.24 -6.72
N ALA A 79 8.39 -15.96 -6.42
CA ALA A 79 9.16 -14.89 -7.05
C ALA A 79 10.64 -14.98 -6.66
N HIS A 80 10.91 -15.56 -5.50
CA HIS A 80 12.27 -15.72 -5.01
C HIS A 80 12.79 -17.12 -5.31
N LEU A 81 11.91 -18.11 -5.19
CA LEU A 81 12.25 -19.50 -5.46
C LEU A 81 11.32 -20.00 -6.56
N PRO A 82 11.73 -19.88 -7.83
CA PRO A 82 10.90 -20.33 -8.95
C PRO A 82 10.46 -21.79 -8.87
N GLU A 83 11.19 -22.60 -8.11
CA GLU A 83 10.84 -24.02 -7.98
C GLU A 83 9.77 -24.28 -6.92
N ALA A 84 9.22 -23.22 -6.36
CA ALA A 84 8.19 -23.35 -5.34
C ALA A 84 6.79 -23.25 -5.95
N ARG A 85 5.86 -24.02 -5.38
CA ARG A 85 4.48 -24.03 -5.83
C ARG A 85 3.57 -24.07 -4.62
N PHE A 86 2.38 -23.50 -4.76
CA PHE A 86 1.39 -23.47 -3.69
C PHE A 86 0.20 -24.33 -4.05
N ALA A 87 -0.31 -25.07 -3.07
CA ALA A 87 -1.48 -25.91 -3.27
C ALA A 87 -2.46 -25.54 -2.16
N PRO A 88 -3.67 -25.09 -2.53
CA PRO A 88 -4.72 -24.68 -1.59
C PRO A 88 -5.39 -25.81 -0.85
N PHE A 89 -4.60 -26.74 -0.33
CA PHE A 89 -5.16 -27.86 0.41
C PHE A 89 -4.63 -27.92 1.83
N PRO A 90 -5.52 -28.03 2.82
CA PRO A 90 -5.15 -28.09 4.23
C PRO A 90 -4.13 -29.22 4.35
N PRO A 91 -3.07 -29.01 5.15
CA PRO A 91 -2.03 -30.04 5.28
C PRO A 91 -2.36 -31.42 5.82
N GLY A 92 -3.54 -31.60 6.41
CA GLY A 92 -3.90 -32.92 6.90
C GLY A 92 -4.78 -33.67 5.90
N SER A 93 -4.97 -33.07 4.73
CA SER A 93 -5.82 -33.65 3.69
C SER A 93 -5.13 -34.67 2.80
N GLU A 94 -5.93 -35.49 2.14
CA GLU A 94 -5.40 -36.50 1.25
C GLU A 94 -4.82 -35.84 -0.02
N GLU A 95 -5.38 -34.70 -0.42
CA GLU A 95 -4.87 -33.99 -1.59
C GLU A 95 -3.45 -33.50 -1.28
N ALA A 96 -3.26 -32.99 -0.06
CA ALA A 96 -1.95 -32.50 0.36
C ALA A 96 -0.94 -33.63 0.34
N ARG A 97 -1.33 -34.79 0.87
CA ARG A 97 -0.45 -35.95 0.91
C ARG A 97 -0.03 -36.34 -0.50
N ARG A 98 -0.98 -36.44 -1.41
CA ARG A 98 -0.67 -36.82 -2.79
C ARG A 98 0.28 -35.82 -3.46
N GLU A 99 0.05 -34.54 -3.23
CA GLU A 99 0.90 -33.50 -3.80
C GLU A 99 2.32 -33.65 -3.27
N ALA A 100 2.44 -33.90 -1.97
CA ALA A 100 3.75 -34.05 -1.34
C ALA A 100 4.50 -35.29 -1.84
N GLU A 101 3.79 -36.41 -1.96
CA GLU A 101 4.42 -37.63 -2.43
C GLU A 101 4.90 -37.56 -3.88
N ALA A 102 4.33 -36.64 -4.65
CA ALA A 102 4.69 -36.46 -6.05
C ALA A 102 5.92 -35.56 -6.24
N LEU A 103 6.33 -34.86 -5.18
CA LEU A 103 7.48 -33.97 -5.28
C LEU A 103 8.78 -34.68 -5.65
N ARG A 104 9.62 -33.98 -6.38
CA ARG A 104 10.90 -34.54 -6.80
C ARG A 104 11.99 -33.67 -6.20
N PRO A 105 13.20 -34.19 -6.07
CA PRO A 105 14.31 -33.41 -5.50
C PRO A 105 14.39 -32.02 -6.10
N GLY A 106 14.55 -31.01 -5.24
CA GLY A 106 14.64 -29.64 -5.73
C GLY A 106 13.31 -28.90 -5.74
N GLU A 107 12.21 -29.63 -5.65
CA GLU A 107 10.89 -29.00 -5.66
C GLU A 107 10.45 -28.57 -4.28
N VAL A 108 9.70 -27.47 -4.24
CA VAL A 108 9.20 -26.90 -2.99
C VAL A 108 7.68 -26.73 -3.06
N LEU A 109 6.99 -27.22 -2.03
CA LEU A 109 5.54 -27.13 -1.98
C LEU A 109 5.05 -26.45 -0.71
N LEU A 110 4.31 -25.36 -0.85
CA LEU A 110 3.73 -24.66 0.29
C LEU A 110 2.27 -25.09 0.36
N LEU A 111 1.84 -25.66 1.48
CA LEU A 111 0.46 -26.09 1.64
C LEU A 111 -0.37 -24.98 2.29
N GLU A 112 -1.68 -25.19 2.37
CA GLU A 112 -2.58 -24.20 2.96
C GLU A 112 -2.40 -24.01 4.47
N ASN A 113 -2.80 -22.84 4.93
CA ASN A 113 -2.77 -22.40 6.33
C ASN A 113 -3.05 -23.53 7.32
N VAL A 114 -2.10 -23.83 8.20
CA VAL A 114 -2.31 -24.90 9.18
C VAL A 114 -3.52 -24.63 10.07
N ARG A 115 -3.88 -23.36 10.24
CA ARG A 115 -5.01 -23.01 11.10
C ARG A 115 -6.36 -23.40 10.49
N PHE A 116 -6.34 -23.87 9.24
CA PHE A 116 -7.56 -24.33 8.58
C PHE A 116 -7.94 -25.70 9.14
N GLU A 117 -6.98 -26.39 9.75
CA GLU A 117 -7.23 -27.71 10.32
C GLU A 117 -7.80 -27.62 11.73
N PRO A 118 -8.99 -28.23 11.96
CA PRO A 118 -9.58 -28.17 13.30
C PRO A 118 -8.71 -28.75 14.42
N GLY A 119 -7.86 -29.72 14.10
CA GLY A 119 -7.02 -30.30 15.12
C GLY A 119 -5.67 -29.64 15.32
N GLU A 120 -5.39 -28.60 14.54
CA GLU A 120 -4.09 -27.93 14.63
C GLU A 120 -3.78 -27.34 16.01
N GLU A 121 -4.64 -26.46 16.50
CA GLU A 121 -4.40 -25.84 17.79
C GLU A 121 -4.62 -26.78 18.98
N LYS A 122 -5.24 -27.92 18.72
CA LYS A 122 -5.50 -28.92 19.76
C LYS A 122 -4.35 -29.93 19.83
N ASN A 123 -3.38 -29.80 18.92
CA ASN A 123 -2.25 -30.72 18.85
C ASN A 123 -2.76 -32.16 18.72
N ASP A 124 -3.76 -32.31 17.86
CA ASP A 124 -4.40 -33.59 17.57
C ASP A 124 -3.31 -34.60 17.13
N PRO A 125 -3.15 -35.70 17.89
CA PRO A 125 -2.13 -36.69 17.48
C PRO A 125 -2.38 -37.37 16.13
N GLU A 126 -3.65 -37.53 15.75
CA GLU A 126 -3.93 -38.18 14.47
C GLU A 126 -3.61 -37.21 13.34
N LEU A 127 -3.91 -35.93 13.53
CA LEU A 127 -3.58 -34.94 12.52
C LEU A 127 -2.05 -34.90 12.38
N SER A 128 -1.36 -34.97 13.51
CA SER A 128 0.11 -34.97 13.49
C SER A 128 0.63 -36.17 12.71
N ALA A 129 -0.06 -37.31 12.85
CA ALA A 129 0.34 -38.51 12.12
C ALA A 129 0.16 -38.30 10.63
N ARG A 130 -0.86 -37.55 10.24
CA ARG A 130 -1.06 -37.28 8.82
C ARG A 130 0.01 -36.31 8.33
N TYR A 131 0.40 -35.35 9.18
CA TYR A 131 1.46 -34.41 8.81
C TYR A 131 2.76 -35.17 8.63
N ALA A 132 2.96 -36.22 9.43
CA ALA A 132 4.18 -37.00 9.35
C ALA A 132 4.35 -37.72 8.02
N ARG A 133 3.29 -37.82 7.24
CA ARG A 133 3.37 -38.47 5.93
C ARG A 133 3.93 -37.50 4.89
N LEU A 134 3.96 -36.21 5.24
CA LEU A 134 4.43 -35.18 4.32
C LEU A 134 5.95 -35.11 4.13
N GLY A 135 6.69 -35.72 5.07
CA GLY A 135 8.14 -35.70 4.98
C GLY A 135 8.78 -36.77 5.83
N GLU A 136 10.08 -36.96 5.66
CA GLU A 136 10.84 -37.98 6.37
C GLU A 136 11.57 -37.39 7.57
N ALA A 137 11.67 -36.07 7.60
CA ALA A 137 12.33 -35.34 8.68
C ALA A 137 11.57 -34.03 8.87
N PHE A 138 11.70 -33.44 10.05
CA PHE A 138 10.99 -32.20 10.37
C PHE A 138 11.96 -31.11 10.80
N VAL A 139 11.79 -29.92 10.23
CA VAL A 139 12.60 -28.77 10.58
C VAL A 139 11.67 -27.66 11.07
N LEU A 140 11.87 -27.21 12.31
CA LEU A 140 11.06 -26.13 12.84
C LEU A 140 11.89 -24.86 12.68
N ASP A 141 11.39 -23.93 11.88
CA ASP A 141 12.12 -22.68 11.66
C ASP A 141 11.24 -21.49 11.99
N ALA A 142 10.29 -21.70 12.90
CA ALA A 142 9.34 -20.66 13.31
C ALA A 142 9.33 -20.45 14.83
N PHE A 143 10.26 -19.65 15.32
CA PHE A 143 10.31 -19.38 16.75
C PHE A 143 8.99 -18.79 17.27
N GLY A 144 8.37 -17.94 16.45
CA GLY A 144 7.13 -17.30 16.84
C GLY A 144 5.95 -18.24 17.00
N SER A 145 6.13 -19.51 16.64
CA SER A 145 5.08 -20.51 16.78
C SER A 145 5.45 -21.52 17.85
N ALA A 146 6.71 -21.48 18.28
CA ALA A 146 7.22 -22.45 19.25
C ALA A 146 6.67 -22.42 20.66
N HIS A 147 5.95 -21.37 21.02
CA HIS A 147 5.41 -21.27 22.37
C HIS A 147 4.10 -22.02 22.56
N ARG A 148 3.57 -22.59 21.47
CA ARG A 148 2.31 -23.31 21.57
C ARG A 148 2.41 -24.75 21.09
N ALA A 149 1.78 -25.65 21.84
CA ALA A 149 1.80 -27.05 21.49
C ALA A 149 0.74 -27.28 20.41
N HIS A 150 1.16 -27.06 19.17
CA HIS A 150 0.29 -27.22 18.00
C HIS A 150 0.77 -28.40 17.17
N ALA A 151 -0.13 -28.98 16.37
CA ALA A 151 0.23 -30.14 15.57
C ALA A 151 1.39 -29.94 14.60
N SER A 152 1.49 -28.76 14.01
CA SER A 152 2.56 -28.48 13.05
C SER A 152 3.82 -27.93 13.69
N VAL A 153 3.85 -27.91 15.03
CA VAL A 153 4.99 -27.40 15.79
C VAL A 153 5.57 -28.48 16.69
N VAL A 154 4.73 -29.03 17.57
CA VAL A 154 5.13 -30.08 18.50
C VAL A 154 4.65 -31.47 18.09
N GLY A 155 3.37 -31.58 17.73
CA GLY A 155 2.81 -32.88 17.39
C GLY A 155 3.57 -33.70 16.36
N VAL A 156 3.84 -33.12 15.20
CA VAL A 156 4.54 -33.86 14.16
C VAL A 156 6.01 -34.09 14.50
N ALA A 157 6.58 -33.17 15.29
CA ALA A 157 7.98 -33.26 15.68
C ALA A 157 8.25 -34.52 16.48
N ARG A 158 7.22 -35.07 17.10
CA ARG A 158 7.39 -36.28 17.90
C ARG A 158 7.31 -37.57 17.07
N LEU A 159 6.94 -37.44 15.80
CA LEU A 159 6.81 -38.60 14.93
C LEU A 159 7.92 -38.66 13.89
N LEU A 160 8.64 -37.56 13.74
CA LEU A 160 9.74 -37.47 12.79
C LEU A 160 10.97 -36.91 13.49
N PRO A 161 12.16 -37.27 13.01
CA PRO A 161 13.35 -36.71 13.65
C PRO A 161 13.23 -35.20 13.42
N ALA A 162 13.37 -34.41 14.49
CA ALA A 162 13.20 -32.97 14.39
C ALA A 162 14.46 -32.16 14.60
N TYR A 163 14.56 -31.03 13.88
CA TYR A 163 15.72 -30.16 13.95
C TYR A 163 15.33 -28.69 13.90
N ALA A 164 16.14 -27.83 14.51
CA ALA A 164 15.89 -26.40 14.48
C ALA A 164 16.50 -25.85 13.18
N GLY A 165 15.74 -25.02 12.48
CA GLY A 165 16.26 -24.43 11.26
C GLY A 165 17.22 -23.30 11.60
N PHE A 166 17.85 -22.70 10.60
CA PHE A 166 18.80 -21.61 10.85
C PHE A 166 18.18 -20.42 11.58
N LEU A 167 16.98 -20.03 11.17
CA LEU A 167 16.32 -18.87 11.76
C LEU A 167 15.86 -19.12 13.19
N MET A 168 15.29 -20.29 13.44
CA MET A 168 14.83 -20.65 14.78
C MET A 168 16.03 -20.60 15.74
N GLU A 169 17.15 -21.19 15.31
CA GLU A 169 18.34 -21.20 16.15
C GLU A 169 18.81 -19.78 16.44
N LYS A 170 18.82 -18.93 15.42
CA LYS A 170 19.27 -17.56 15.58
C LYS A 170 18.42 -16.80 16.60
N GLU A 171 17.11 -16.99 16.56
CA GLU A 171 16.24 -16.30 17.49
C GLU A 171 16.44 -16.76 18.94
N VAL A 172 16.58 -18.08 19.11
CA VAL A 172 16.79 -18.65 20.44
C VAL A 172 18.09 -18.16 21.05
N ARG A 173 19.13 -18.14 20.24
CA ARG A 173 20.44 -17.69 20.70
C ARG A 173 20.42 -16.22 21.14
N ALA A 174 19.72 -15.39 20.38
CA ALA A 174 19.65 -13.97 20.71
C ALA A 174 18.99 -13.75 22.07
N LEU A 175 17.85 -14.39 22.28
CA LEU A 175 17.14 -14.26 23.55
C LEU A 175 17.88 -14.94 24.69
N SER A 176 18.65 -15.98 24.38
CA SER A 176 19.41 -16.68 25.40
C SER A 176 20.45 -15.76 26.01
N ARG A 177 20.91 -14.76 25.26
CA ARG A 177 21.90 -13.83 25.81
C ARG A 177 21.31 -12.92 26.88
N LEU A 178 20.01 -13.02 27.05
CA LEU A 178 19.32 -12.23 28.07
C LEU A 178 19.07 -13.09 29.29
N LEU A 179 19.42 -14.37 29.19
CA LEU A 179 19.21 -15.32 30.30
C LEU A 179 20.49 -15.92 30.86
N LYS A 180 21.45 -16.21 30.00
CA LYS A 180 22.70 -16.82 30.43
C LYS A 180 23.92 -15.91 30.30
N ASP A 181 24.60 -15.69 31.41
CA ASP A 181 25.79 -14.85 31.47
C ASP A 181 25.66 -13.56 30.66
N PRO A 182 24.57 -12.81 30.85
CA PRO A 182 24.42 -11.57 30.09
C PRO A 182 25.50 -10.55 30.47
N GLU A 183 25.88 -9.71 29.52
CA GLU A 183 26.88 -8.70 29.79
C GLU A 183 26.26 -7.61 30.67
N ARG A 184 26.99 -7.18 31.69
CA ARG A 184 26.48 -6.16 32.63
C ARG A 184 27.21 -4.84 32.46
N PRO A 185 26.56 -3.72 32.83
CA PRO A 185 25.21 -3.57 33.39
C PRO A 185 24.11 -4.02 32.44
N TYR A 186 23.10 -4.67 33.01
CA TYR A 186 21.96 -5.20 32.25
C TYR A 186 20.70 -4.46 32.67
N ALA A 187 20.11 -3.72 31.72
CA ALA A 187 18.90 -2.98 31.98
C ALA A 187 17.70 -3.55 31.23
N VAL A 188 16.54 -3.51 31.86
CA VAL A 188 15.30 -3.98 31.25
C VAL A 188 14.28 -2.85 31.29
N VAL A 189 13.63 -2.61 30.16
CA VAL A 189 12.62 -1.57 30.05
C VAL A 189 11.30 -2.27 29.73
N LEU A 190 10.35 -2.17 30.63
CA LEU A 190 9.06 -2.81 30.42
C LEU A 190 7.92 -1.81 30.42
N GLY A 191 7.00 -1.99 29.48
CA GLY A 191 5.85 -1.12 29.36
C GLY A 191 4.59 -1.94 29.35
N GLY A 192 3.50 -1.34 28.90
CA GLY A 192 2.23 -2.06 28.86
C GLY A 192 1.23 -1.48 29.84
N ALA A 193 -0.03 -1.81 29.64
CA ALA A 193 -1.09 -1.28 30.49
C ALA A 193 -1.30 -2.01 31.83
N LYS A 194 -1.00 -3.30 31.88
CA LYS A 194 -1.21 -4.06 33.11
C LYS A 194 0.01 -4.78 33.66
N VAL A 195 0.26 -4.62 34.96
CA VAL A 195 1.40 -5.26 35.58
C VAL A 195 1.20 -6.78 35.58
N SER A 196 -0.05 -7.21 35.57
CA SER A 196 -0.36 -8.64 35.56
C SER A 196 0.25 -9.35 34.35
N ASP A 197 0.38 -8.64 33.23
CA ASP A 197 0.96 -9.23 32.02
C ASP A 197 2.48 -9.26 32.04
N LYS A 198 3.09 -8.67 33.07
CA LYS A 198 4.55 -8.64 33.15
C LYS A 198 5.10 -9.34 34.40
N ILE A 199 4.23 -9.85 35.25
CA ILE A 199 4.67 -10.53 36.47
C ILE A 199 5.67 -11.64 36.19
N GLY A 200 5.32 -12.52 35.26
CA GLY A 200 6.19 -13.64 34.92
C GLY A 200 7.58 -13.24 34.48
N VAL A 201 7.68 -12.34 33.51
CA VAL A 201 8.98 -11.91 33.01
C VAL A 201 9.76 -11.11 34.05
N ILE A 202 9.05 -10.35 34.89
CA ILE A 202 9.70 -9.56 35.91
C ILE A 202 10.34 -10.48 36.97
N GLU A 203 9.59 -11.46 37.44
CA GLU A 203 10.14 -12.36 38.45
C GLU A 203 11.26 -13.21 37.86
N SER A 204 11.20 -13.48 36.57
CA SER A 204 12.22 -14.27 35.91
C SER A 204 13.52 -13.49 35.70
N LEU A 205 13.39 -12.24 35.30
CA LEU A 205 14.57 -11.43 35.02
C LEU A 205 15.20 -10.70 36.22
N LEU A 206 14.41 -10.42 37.25
CA LEU A 206 14.94 -9.69 38.41
C LEU A 206 16.26 -10.22 38.97
N PRO A 207 16.41 -11.54 39.12
CA PRO A 207 17.66 -12.08 39.66
C PRO A 207 18.84 -11.99 38.71
N ARG A 208 18.58 -11.54 37.48
CA ARG A 208 19.62 -11.48 36.47
C ARG A 208 20.04 -10.09 36.04
N ILE A 209 19.27 -9.08 36.41
CA ILE A 209 19.53 -7.71 35.98
C ILE A 209 20.06 -6.70 37.00
N ASP A 210 20.35 -5.50 36.51
CA ASP A 210 20.87 -4.43 37.34
C ASP A 210 19.89 -3.27 37.45
N ARG A 211 19.17 -2.99 36.38
CA ARG A 211 18.22 -1.89 36.36
C ARG A 211 16.91 -2.28 35.68
N LEU A 212 15.81 -1.78 36.22
CA LEU A 212 14.48 -2.05 35.68
C LEU A 212 13.72 -0.74 35.54
N LEU A 213 13.39 -0.39 34.30
CA LEU A 213 12.64 0.83 34.01
C LEU A 213 11.21 0.42 33.71
N ILE A 214 10.26 1.05 34.42
CA ILE A 214 8.86 0.73 34.25
C ILE A 214 8.05 1.90 33.71
N GLY A 215 7.41 1.69 32.56
CA GLY A 215 6.60 2.71 31.93
C GLY A 215 5.25 2.13 31.54
N GLY A 216 4.45 2.92 30.82
CA GLY A 216 3.14 2.45 30.43
C GLY A 216 2.16 2.62 31.58
N ALA A 217 0.90 2.34 31.34
CA ALA A 217 -0.10 2.50 32.39
C ALA A 217 0.14 1.61 33.60
N MET A 218 0.84 0.49 33.42
CA MET A 218 1.07 -0.39 34.55
C MET A 218 1.86 0.33 35.65
N ALA A 219 2.58 1.38 35.27
CA ALA A 219 3.37 2.14 36.24
C ALA A 219 2.47 2.78 37.30
N PHE A 220 1.24 3.11 36.93
CA PHE A 220 0.33 3.73 37.87
C PHE A 220 -0.08 2.82 39.02
N THR A 221 -0.03 1.51 38.79
CA THR A 221 -0.38 0.56 39.85
C THR A 221 0.76 0.61 40.87
N PHE A 222 1.99 0.67 40.39
CA PHE A 222 3.15 0.77 41.28
C PHE A 222 3.11 2.09 42.03
N LEU A 223 2.87 3.18 41.30
CA LEU A 223 2.83 4.51 41.89
C LEU A 223 1.75 4.68 42.95
N LYS A 224 0.56 4.12 42.71
CA LYS A 224 -0.52 4.24 43.69
C LYS A 224 -0.17 3.43 44.93
N ALA A 225 0.44 2.26 44.74
CA ALA A 225 0.82 1.40 45.86
C ALA A 225 1.84 2.11 46.73
N LEU A 226 2.66 2.96 46.11
CA LEU A 226 3.69 3.70 46.83
C LEU A 226 3.18 5.00 47.47
N GLY A 227 1.88 5.25 47.36
CA GLY A 227 1.32 6.46 47.96
C GLY A 227 1.01 7.60 47.02
N GLY A 228 1.31 7.44 45.74
CA GLY A 228 1.04 8.51 44.80
C GLY A 228 -0.43 8.65 44.46
N GLU A 229 -0.80 9.83 43.97
CA GLU A 229 -2.17 10.11 43.57
C GLU A 229 -2.16 10.13 42.04
N VAL A 230 -2.74 9.11 41.42
CA VAL A 230 -2.74 9.00 39.96
C VAL A 230 -4.03 9.44 39.27
N GLY A 231 -4.90 10.14 39.99
CA GLY A 231 -6.13 10.62 39.39
C GLY A 231 -7.01 9.51 38.82
N ARG A 232 -7.41 9.66 37.57
CA ARG A 232 -8.24 8.66 36.93
C ARG A 232 -7.43 7.69 36.06
N SER A 233 -6.12 7.68 36.28
CA SER A 233 -5.24 6.79 35.52
C SER A 233 -5.62 5.33 35.74
N LEU A 234 -5.33 4.49 34.75
CA LEU A 234 -5.62 3.07 34.82
C LEU A 234 -4.84 2.41 35.95
N VAL A 235 -5.53 1.62 36.76
CA VAL A 235 -4.91 0.91 37.88
C VAL A 235 -5.54 -0.45 38.12
N GLU A 236 -4.70 -1.43 38.44
CA GLU A 236 -5.20 -2.76 38.75
C GLU A 236 -5.21 -2.83 40.27
N GLU A 237 -6.32 -2.42 40.85
CA GLU A 237 -6.54 -2.40 42.29
C GLU A 237 -6.20 -3.73 42.96
N ASP A 238 -6.44 -4.84 42.28
CA ASP A 238 -6.16 -6.17 42.82
C ASP A 238 -4.72 -6.59 42.66
N ARG A 239 -3.88 -5.66 42.21
CA ARG A 239 -2.46 -5.95 42.02
C ARG A 239 -1.56 -4.95 42.74
N LEU A 240 -2.17 -4.10 43.56
CA LEU A 240 -1.41 -3.10 44.32
C LEU A 240 -0.37 -3.74 45.24
N ASP A 241 -0.77 -4.76 46.00
CA ASP A 241 0.15 -5.43 46.90
C ASP A 241 1.25 -6.13 46.12
N LEU A 242 0.85 -6.79 45.04
CA LEU A 242 1.80 -7.50 44.19
C LEU A 242 2.85 -6.54 43.62
N ALA A 243 2.41 -5.36 43.20
CA ALA A 243 3.32 -4.37 42.66
C ALA A 243 4.37 -4.00 43.70
N LYS A 244 3.90 -3.76 44.92
CA LYS A 244 4.81 -3.40 46.01
C LYS A 244 5.77 -4.54 46.30
N ASP A 245 5.28 -5.77 46.25
CA ASP A 245 6.13 -6.93 46.52
C ASP A 245 7.21 -7.08 45.44
N LEU A 246 6.88 -6.75 44.19
CA LEU A 246 7.87 -6.85 43.13
C LEU A 246 8.98 -5.84 43.37
N LEU A 247 8.62 -4.65 43.85
CA LEU A 247 9.63 -3.63 44.14
C LEU A 247 10.47 -4.12 45.32
N GLY A 248 9.81 -4.81 46.25
CA GLY A 248 10.53 -5.33 47.39
C GLY A 248 11.56 -6.36 46.93
N ARG A 249 11.19 -7.17 45.94
CA ARG A 249 12.11 -8.18 45.42
C ARG A 249 13.27 -7.48 44.73
N ALA A 250 12.99 -6.39 44.02
CA ALA A 250 14.05 -5.66 43.35
C ALA A 250 15.04 -5.13 44.39
N GLU A 251 14.53 -4.57 45.48
CA GLU A 251 15.39 -4.05 46.55
C GLU A 251 16.25 -5.18 47.11
N ALA A 252 15.62 -6.33 47.36
CA ALA A 252 16.33 -7.48 47.91
C ALA A 252 17.43 -7.99 46.99
N LEU A 253 17.21 -7.89 45.69
CA LEU A 253 18.18 -8.37 44.72
C LEU A 253 19.16 -7.32 44.20
N GLY A 254 19.09 -6.12 44.75
CA GLY A 254 20.00 -5.07 44.32
C GLY A 254 19.74 -4.54 42.91
N VAL A 255 18.47 -4.52 42.52
CA VAL A 255 18.10 -4.01 41.21
C VAL A 255 17.52 -2.62 41.40
N ARG A 256 18.11 -1.63 40.72
CA ARG A 256 17.62 -0.27 40.82
C ARG A 256 16.44 -0.13 39.87
N VAL A 257 15.33 0.34 40.42
CA VAL A 257 14.11 0.54 39.66
C VAL A 257 13.89 2.00 39.31
N TYR A 258 13.33 2.25 38.14
CA TYR A 258 13.01 3.60 37.69
C TYR A 258 11.53 3.66 37.33
N LEU A 259 10.86 4.68 37.83
CA LEU A 259 9.44 4.90 37.55
C LEU A 259 9.27 6.30 37.00
N PRO A 260 8.13 6.57 36.35
CA PRO A 260 7.91 7.91 35.79
C PRO A 260 7.96 9.01 36.84
N GLU A 261 8.50 10.16 36.44
CA GLU A 261 8.58 11.34 37.30
C GLU A 261 7.38 12.20 36.90
N ASP A 262 7.20 12.37 35.59
CA ASP A 262 6.09 13.15 35.06
C ASP A 262 5.34 12.37 33.99
N VAL A 263 4.14 12.83 33.66
CA VAL A 263 3.32 12.18 32.64
C VAL A 263 2.59 13.20 31.80
N VAL A 264 2.18 12.78 30.61
CA VAL A 264 1.40 13.62 29.72
C VAL A 264 -0.02 13.10 30.00
N ALA A 265 -0.91 13.98 30.43
CA ALA A 265 -2.27 13.56 30.75
C ALA A 265 -3.34 14.28 29.95
N ALA A 266 -4.53 13.70 29.94
CA ALA A 266 -5.68 14.26 29.25
C ALA A 266 -6.94 13.76 29.95
N GLU A 267 -8.08 14.39 29.64
CA GLU A 267 -9.33 13.99 30.26
C GLU A 267 -9.93 12.78 29.56
N ARG A 268 -9.43 12.47 28.38
CA ARG A 268 -9.93 11.32 27.63
C ARG A 268 -8.90 10.90 26.59
N ILE A 269 -8.96 9.64 26.18
CA ILE A 269 -8.04 9.11 25.18
C ILE A 269 -8.60 9.49 23.82
N GLU A 270 -8.08 10.58 23.27
CA GLU A 270 -8.52 11.10 21.98
C GLU A 270 -7.31 11.62 21.21
N ALA A 271 -7.24 11.27 19.92
CA ALA A 271 -6.12 11.70 19.09
C ALA A 271 -6.02 13.22 19.01
N GLY A 272 -4.82 13.73 19.30
CA GLY A 272 -4.58 15.17 19.24
C GLY A 272 -5.27 15.98 20.32
N VAL A 273 -5.87 15.32 21.29
CA VAL A 273 -6.56 16.03 22.37
C VAL A 273 -5.63 16.96 23.15
N GLU A 274 -6.19 18.01 23.73
CA GLU A 274 -5.40 18.95 24.52
C GLU A 274 -4.85 18.18 25.71
N THR A 275 -3.63 18.52 26.14
CA THR A 275 -3.00 17.79 27.24
C THR A 275 -2.45 18.69 28.34
N ARG A 276 -1.95 18.04 29.39
CA ARG A 276 -1.38 18.71 30.56
C ARG A 276 -0.26 17.80 31.06
N VAL A 277 0.81 18.38 31.59
CA VAL A 277 1.91 17.58 32.11
C VAL A 277 1.83 17.70 33.62
N PHE A 278 1.81 16.55 34.29
CA PHE A 278 1.72 16.49 35.74
C PHE A 278 2.76 15.54 36.35
N PRO A 279 3.01 15.70 37.65
CA PRO A 279 3.98 14.79 38.28
C PRO A 279 3.22 13.47 38.27
N ALA A 280 3.89 12.36 38.02
CA ALA A 280 3.23 11.06 37.99
C ALA A 280 2.52 10.70 39.29
N ARG A 281 2.99 11.29 40.38
CA ARG A 281 2.43 11.02 41.71
C ARG A 281 1.39 12.05 42.14
N ALA A 282 1.08 12.99 41.25
CA ALA A 282 0.11 14.03 41.56
C ALA A 282 -0.72 14.40 40.34
N ILE A 283 -1.51 13.45 39.86
CA ILE A 283 -2.37 13.67 38.72
C ILE A 283 -3.76 13.97 39.26
N PRO A 284 -4.21 15.23 39.13
CA PRO A 284 -5.54 15.61 39.64
C PRO A 284 -6.69 15.08 38.79
N VAL A 285 -7.77 14.67 39.45
CA VAL A 285 -8.92 14.18 38.71
C VAL A 285 -9.46 15.39 37.94
N PRO A 286 -10.13 15.17 36.80
CA PRO A 286 -10.44 13.88 36.18
C PRO A 286 -9.38 13.43 35.18
N TYR A 287 -8.19 14.02 35.26
CA TYR A 287 -7.12 13.66 34.33
C TYR A 287 -6.58 12.24 34.52
N MET A 288 -6.06 11.69 33.44
CA MET A 288 -5.48 10.35 33.44
C MET A 288 -4.15 10.39 32.71
N GLY A 289 -3.13 9.75 33.29
CA GLY A 289 -1.83 9.71 32.65
C GLY A 289 -1.87 8.81 31.43
N LEU A 290 -1.51 9.35 30.27
CA LEU A 290 -1.56 8.56 29.04
C LEU A 290 -0.21 8.30 28.38
N ASP A 291 0.86 8.90 28.91
CA ASP A 291 2.21 8.70 28.36
C ASP A 291 3.23 9.25 29.35
N ILE A 292 4.47 8.76 29.27
CA ILE A 292 5.51 9.27 30.16
C ILE A 292 5.87 10.68 29.68
N GLY A 293 6.14 11.57 30.63
CA GLY A 293 6.46 12.95 30.28
C GLY A 293 7.89 13.18 29.84
N PRO A 294 8.23 14.41 29.45
CA PRO A 294 9.58 14.72 29.01
C PRO A 294 10.68 14.44 30.04
N LYS A 295 10.42 14.72 31.31
CA LYS A 295 11.42 14.45 32.34
C LYS A 295 11.66 12.95 32.47
N THR A 296 10.60 12.16 32.36
CA THR A 296 10.73 10.71 32.46
C THR A 296 11.53 10.16 31.29
N ARG A 297 11.25 10.65 30.08
CA ARG A 297 11.97 10.18 28.90
C ARG A 297 13.46 10.46 29.08
N GLU A 298 13.79 11.66 29.56
CA GLU A 298 15.17 12.05 29.80
C GLU A 298 15.81 11.15 30.85
N ALA A 299 15.10 10.91 31.95
CA ALA A 299 15.60 10.08 33.03
C ALA A 299 15.80 8.63 32.60
N PHE A 300 14.86 8.12 31.82
CA PHE A 300 14.95 6.74 31.33
C PHE A 300 16.17 6.61 30.40
N ALA A 301 16.39 7.61 29.56
CA ALA A 301 17.54 7.57 28.66
C ALA A 301 18.83 7.58 29.48
N ARG A 302 18.91 8.44 30.48
CA ARG A 302 20.09 8.51 31.33
C ARG A 302 20.35 7.21 32.07
N ALA A 303 19.27 6.55 32.49
CA ALA A 303 19.37 5.30 33.22
C ALA A 303 19.99 4.19 32.38
N LEU A 304 19.98 4.36 31.06
CA LEU A 304 20.55 3.36 30.16
C LEU A 304 22.03 3.62 29.86
N GLU A 305 22.55 4.76 30.27
CA GLU A 305 23.95 5.07 30.03
C GLU A 305 24.81 4.05 30.78
N GLY A 306 25.80 3.47 30.09
CA GLY A 306 26.67 2.50 30.70
C GLY A 306 26.21 1.06 30.58
N ALA A 307 24.97 0.86 30.17
CA ALA A 307 24.43 -0.48 30.02
C ALA A 307 25.10 -1.22 28.87
N ARG A 308 25.36 -2.51 29.08
CA ARG A 308 25.98 -3.34 28.05
C ARG A 308 24.94 -4.27 27.44
N THR A 309 23.81 -4.42 28.13
CA THR A 309 22.70 -5.23 27.65
C THR A 309 21.41 -4.49 27.98
N VAL A 310 20.53 -4.36 27.00
CA VAL A 310 19.25 -3.69 27.20
C VAL A 310 18.15 -4.49 26.52
N PHE A 311 17.12 -4.85 27.28
CA PHE A 311 15.96 -5.55 26.74
C PHE A 311 14.76 -4.65 26.94
N TRP A 312 14.03 -4.40 25.88
CA TRP A 312 12.85 -3.55 25.95
C TRP A 312 11.61 -4.22 25.37
N ASN A 313 10.54 -4.22 26.15
CA ASN A 313 9.28 -4.78 25.69
C ASN A 313 8.11 -3.99 26.27
N GLY A 314 7.30 -3.39 25.40
CA GLY A 314 6.15 -2.66 25.86
C GLY A 314 6.07 -1.17 25.61
N PRO A 315 4.86 -0.64 25.39
CA PRO A 315 4.65 0.79 25.15
C PRO A 315 4.77 1.61 26.43
N MET A 316 5.20 2.86 26.30
CA MET A 316 5.36 3.76 27.44
C MET A 316 4.08 4.56 27.68
N GLY A 317 3.13 4.43 26.77
CA GLY A 317 1.86 5.14 26.88
C GLY A 317 0.88 4.56 25.88
N VAL A 318 -0.18 5.30 25.55
CA VAL A 318 -1.17 4.82 24.60
C VAL A 318 -0.59 5.04 23.20
N PHE A 319 0.25 4.10 22.79
CA PHE A 319 0.96 4.14 21.52
C PHE A 319 0.13 4.38 20.25
N GLU A 320 -1.03 3.77 20.15
CA GLU A 320 -1.84 3.93 18.94
C GLU A 320 -2.61 5.25 18.85
N VAL A 321 -2.50 6.08 19.87
CA VAL A 321 -3.22 7.36 19.86
C VAL A 321 -2.30 8.56 20.04
N PRO A 322 -1.84 9.16 18.93
CA PRO A 322 -0.96 10.33 19.05
C PRO A 322 -1.72 11.42 19.83
N PRO A 323 -0.98 12.27 20.57
CA PRO A 323 0.47 12.30 20.74
C PRO A 323 1.01 11.40 21.85
N PHE A 324 0.21 10.44 22.29
CA PHE A 324 0.62 9.56 23.38
C PHE A 324 1.57 8.43 22.98
N ASP A 325 2.17 8.56 21.81
CA ASP A 325 3.13 7.58 21.33
C ASP A 325 4.55 8.10 21.49
N GLU A 326 4.69 9.39 21.78
CA GLU A 326 6.01 10.00 21.91
C GLU A 326 6.93 9.32 22.92
N GLY A 327 6.39 8.95 24.08
CA GLY A 327 7.21 8.30 25.08
C GLY A 327 7.83 7.01 24.57
N THR A 328 7.05 6.23 23.83
CA THR A 328 7.50 4.97 23.27
C THR A 328 8.55 5.23 22.19
N LEU A 329 8.28 6.18 21.30
CA LEU A 329 9.24 6.51 20.26
C LEU A 329 10.54 7.04 20.87
N ALA A 330 10.41 7.85 21.91
CA ALA A 330 11.56 8.45 22.58
C ALA A 330 12.47 7.39 23.21
N VAL A 331 11.86 6.37 23.82
CA VAL A 331 12.64 5.31 24.43
C VAL A 331 13.37 4.55 23.33
N GLY A 332 12.67 4.30 22.22
CA GLY A 332 13.30 3.60 21.11
C GLY A 332 14.47 4.39 20.56
N GLN A 333 14.30 5.70 20.44
CA GLN A 333 15.35 6.56 19.93
C GLN A 333 16.56 6.56 20.86
N ALA A 334 16.29 6.57 22.16
CA ALA A 334 17.37 6.56 23.15
C ALA A 334 18.14 5.26 23.10
N ILE A 335 17.44 4.15 22.93
CA ILE A 335 18.11 2.84 22.88
C ILE A 335 18.94 2.73 21.60
N ALA A 336 18.41 3.23 20.49
CA ALA A 336 19.12 3.20 19.22
C ALA A 336 20.41 4.02 19.32
N ALA A 337 20.38 5.10 20.10
CA ALA A 337 21.53 5.99 20.25
C ALA A 337 22.64 5.48 21.19
N LEU A 338 22.38 4.40 21.91
CA LEU A 338 23.39 3.87 22.84
C LEU A 338 24.62 3.33 22.11
N GLU A 339 25.73 3.28 22.84
CA GLU A 339 26.99 2.75 22.31
C GLU A 339 27.43 1.60 23.21
N GLY A 340 27.97 0.55 22.60
CA GLY A 340 28.46 -0.59 23.35
C GLY A 340 27.45 -1.46 24.08
N ALA A 341 26.19 -1.43 23.64
CA ALA A 341 25.17 -2.24 24.28
C ALA A 341 24.46 -3.17 23.31
N PHE A 342 24.22 -4.41 23.75
CA PHE A 342 23.49 -5.36 22.93
C PHE A 342 22.04 -5.06 23.30
N THR A 343 21.26 -4.60 22.32
CA THR A 343 19.88 -4.25 22.55
C THR A 343 18.92 -5.21 21.87
N VAL A 344 17.89 -5.59 22.62
CA VAL A 344 16.86 -6.50 22.14
C VAL A 344 15.50 -5.86 22.37
N VAL A 345 14.66 -5.90 21.34
CA VAL A 345 13.33 -5.33 21.44
C VAL A 345 12.27 -6.37 21.10
N GLY A 346 11.20 -6.40 21.90
CA GLY A 346 10.12 -7.33 21.67
C GLY A 346 8.81 -6.65 22.00
N GLY A 347 7.69 -7.30 21.68
CA GLY A 347 6.41 -6.71 21.96
C GLY A 347 5.81 -5.98 20.78
N GLY A 348 4.50 -6.08 20.63
CA GLY A 348 3.82 -5.44 19.51
C GLY A 348 4.06 -3.96 19.28
N ASP A 349 3.74 -3.13 20.27
CA ASP A 349 3.91 -1.69 20.10
C ASP A 349 5.36 -1.23 20.01
N SER A 350 6.24 -1.82 20.80
CA SER A 350 7.65 -1.44 20.77
C SER A 350 8.29 -1.81 19.44
N VAL A 351 7.94 -2.97 18.90
CA VAL A 351 8.49 -3.39 17.62
C VAL A 351 7.93 -2.48 16.52
N ALA A 352 6.66 -2.11 16.67
CA ALA A 352 6.02 -1.23 15.70
C ALA A 352 6.72 0.13 15.75
N ALA A 353 7.07 0.57 16.94
CA ALA A 353 7.75 1.84 17.10
C ALA A 353 9.10 1.79 16.40
N VAL A 354 9.86 0.72 16.66
CA VAL A 354 11.17 0.57 16.04
C VAL A 354 11.05 0.59 14.51
N ASN A 355 10.01 -0.03 13.99
CA ASN A 355 9.82 -0.09 12.55
C ASN A 355 9.53 1.24 11.87
N ARG A 356 9.15 2.26 12.63
CA ARG A 356 8.90 3.55 12.01
C ARG A 356 9.78 4.68 12.52
N LEU A 357 10.92 4.32 13.10
CA LEU A 357 11.86 5.31 13.60
C LEU A 357 12.92 5.60 12.54
N GLY A 358 13.07 4.68 11.59
CA GLY A 358 14.07 4.83 10.55
C GLY A 358 15.44 4.51 11.13
N LEU A 359 15.44 3.76 12.23
CA LEU A 359 16.66 3.38 12.94
C LEU A 359 16.70 1.89 13.29
N LYS A 360 15.83 1.09 12.70
CA LYS A 360 15.78 -0.33 13.00
C LYS A 360 17.12 -1.07 12.98
N GLU A 361 17.98 -0.76 12.01
CA GLU A 361 19.29 -1.42 11.90
C GLU A 361 20.20 -1.15 13.08
N ARG A 362 19.84 -0.16 13.89
CA ARG A 362 20.64 0.21 15.04
C ARG A 362 20.48 -0.75 16.20
N PHE A 363 19.40 -1.52 16.23
CA PHE A 363 19.15 -2.45 17.34
C PHE A 363 19.85 -3.79 17.16
N GLY A 364 20.29 -4.37 18.28
CA GLY A 364 20.97 -5.65 18.24
C GLY A 364 20.09 -6.74 17.69
N HIS A 365 18.87 -6.84 18.20
CA HIS A 365 17.95 -7.87 17.74
C HIS A 365 16.50 -7.47 17.99
N VAL A 366 15.69 -7.53 16.95
CA VAL A 366 14.27 -7.21 17.05
C VAL A 366 13.56 -8.55 16.96
N SER A 367 13.08 -9.03 18.10
CA SER A 367 12.41 -10.34 18.17
C SER A 367 11.16 -10.48 17.31
N THR A 368 10.74 -11.74 17.14
CA THR A 368 9.56 -12.09 16.34
C THR A 368 8.29 -11.44 16.89
N GLY A 369 7.55 -10.78 16.00
CA GLY A 369 6.32 -10.13 16.41
C GLY A 369 5.28 -11.09 16.98
N GLY A 370 5.33 -11.28 18.28
CA GLY A 370 4.39 -12.17 18.94
C GLY A 370 4.67 -12.30 20.42
N GLY A 371 4.10 -13.32 21.05
CA GLY A 371 4.32 -13.52 22.48
C GLY A 371 5.33 -14.59 22.84
N ALA A 372 5.79 -15.35 21.85
CA ALA A 372 6.76 -16.42 22.11
C ALA A 372 8.03 -15.93 22.82
N SER A 373 8.56 -14.79 22.37
CA SER A 373 9.78 -14.26 22.97
C SER A 373 9.65 -13.97 24.47
N LEU A 374 8.56 -13.30 24.84
CA LEU A 374 8.35 -12.97 26.25
C LEU A 374 8.16 -14.25 27.08
N GLU A 375 7.45 -15.22 26.53
CA GLU A 375 7.23 -16.47 27.25
C GLU A 375 8.53 -17.25 27.43
N PHE A 376 9.40 -17.18 26.43
CA PHE A 376 10.68 -17.87 26.51
C PHE A 376 11.54 -17.25 27.62
N LEU A 377 11.49 -15.92 27.72
CA LEU A 377 12.28 -15.24 28.75
C LEU A 377 11.76 -15.56 30.14
N GLU A 378 10.47 -15.82 30.26
CA GLU A 378 9.88 -16.14 31.56
C GLU A 378 10.14 -17.58 31.98
N LYS A 379 10.05 -18.51 31.03
CA LYS A 379 10.23 -19.93 31.32
C LYS A 379 11.61 -20.52 31.03
N GLY A 380 12.35 -19.89 30.14
CA GLY A 380 13.67 -20.39 29.80
C GLY A 380 13.63 -21.45 28.71
N THR A 381 12.43 -21.78 28.26
CA THR A 381 12.24 -22.77 27.21
C THR A 381 10.82 -22.65 26.64
N LEU A 382 10.54 -23.40 25.58
CA LEU A 382 9.22 -23.39 24.94
C LEU A 382 8.93 -24.79 24.44
N PRO A 383 7.64 -25.13 24.30
CA PRO A 383 7.24 -26.46 23.82
C PRO A 383 7.94 -26.85 22.52
N GLY A 384 7.99 -25.91 21.59
CA GLY A 384 8.62 -26.15 20.30
C GLY A 384 10.12 -26.34 20.38
N LEU A 385 10.71 -25.87 21.46
CA LEU A 385 12.15 -26.02 21.65
C LEU A 385 12.46 -27.38 22.26
N GLU A 386 11.60 -27.83 23.17
CA GLU A 386 11.80 -29.10 23.85
C GLU A 386 11.79 -30.30 22.92
N VAL A 387 11.02 -30.22 21.84
CA VAL A 387 10.95 -31.33 20.90
C VAL A 387 12.19 -31.39 20.01
N LEU A 388 13.07 -30.39 20.15
CA LEU A 388 14.29 -30.32 19.37
C LEU A 388 15.49 -30.75 20.22
N GLU A 389 15.20 -31.16 21.47
CA GLU A 389 16.24 -31.59 22.39
C GLU A 389 15.97 -33.04 22.78
N GLY A 390 16.93 -33.92 22.51
CA GLY A 390 16.75 -35.31 22.89
C GLY A 390 16.14 -36.16 21.80
N MET B 1 -0.58 12.60 -38.82
CA MET B 1 0.24 12.34 -37.60
C MET B 1 1.37 11.37 -37.88
N ARG B 2 2.60 11.80 -37.61
CA ARG B 2 3.76 10.95 -37.81
C ARG B 2 3.81 9.93 -36.67
N THR B 3 4.12 8.68 -37.00
CA THR B 3 4.18 7.63 -35.99
C THR B 3 5.56 7.01 -35.94
N LEU B 4 5.74 6.03 -35.06
CA LEU B 4 7.03 5.38 -34.91
C LEU B 4 7.44 4.66 -36.20
N LEU B 5 6.45 4.26 -36.99
CA LEU B 5 6.74 3.58 -38.24
C LEU B 5 7.44 4.52 -39.21
N ASP B 6 7.29 5.82 -38.99
CA ASP B 6 7.92 6.81 -39.84
C ASP B 6 9.33 7.10 -39.35
N LEU B 7 9.69 6.47 -38.23
CA LEU B 7 11.01 6.67 -37.63
C LEU B 7 11.92 5.45 -37.65
N ASP B 8 13.12 5.63 -38.20
CA ASP B 8 14.12 4.57 -38.22
C ASP B 8 15.16 5.07 -37.21
N PRO B 9 15.17 4.48 -36.00
CA PRO B 9 16.12 4.90 -34.97
C PRO B 9 17.53 4.33 -35.03
N LYS B 10 17.88 3.63 -36.11
CA LYS B 10 19.20 3.05 -36.23
C LYS B 10 20.33 4.07 -35.99
N GLY B 11 21.18 3.79 -35.01
CA GLY B 11 22.29 4.66 -34.70
C GLY B 11 21.91 6.01 -34.12
N LYS B 12 20.67 6.14 -33.67
CA LYS B 12 20.22 7.41 -33.12
C LYS B 12 19.85 7.33 -31.66
N ARG B 13 19.99 8.46 -30.97
CA ARG B 13 19.59 8.57 -29.57
C ARG B 13 18.23 9.26 -29.72
N VAL B 14 17.19 8.64 -29.16
CA VAL B 14 15.85 9.17 -29.26
C VAL B 14 15.32 9.70 -27.93
N LEU B 15 14.80 10.92 -27.96
CA LEU B 15 14.24 11.56 -26.77
C LEU B 15 12.76 11.21 -26.75
N VAL B 16 12.31 10.63 -25.64
CA VAL B 16 10.91 10.22 -25.51
C VAL B 16 10.22 10.89 -24.32
N ARG B 17 9.12 11.59 -24.58
CA ARG B 17 8.35 12.20 -23.51
C ARG B 17 7.28 11.16 -23.15
N VAL B 18 7.47 10.54 -21.99
CA VAL B 18 6.54 9.52 -21.52
C VAL B 18 5.69 10.07 -20.39
N ASP B 19 4.68 9.29 -20.00
CA ASP B 19 3.82 9.67 -18.89
C ASP B 19 4.06 8.65 -17.77
N TYR B 20 4.97 8.98 -16.86
CA TYR B 20 5.25 8.11 -15.73
C TYR B 20 4.78 8.82 -14.46
N ASN B 21 3.70 9.58 -14.59
CA ASN B 21 3.13 10.30 -13.45
C ASN B 21 2.29 9.29 -12.68
N VAL B 22 2.97 8.42 -11.94
CA VAL B 22 2.35 7.36 -11.17
C VAL B 22 2.25 7.69 -9.68
N PRO B 23 1.32 7.03 -8.97
CA PRO B 23 1.19 7.29 -7.54
C PRO B 23 2.41 6.76 -6.80
N VAL B 24 2.93 7.58 -5.89
CA VAL B 24 4.10 7.20 -5.11
C VAL B 24 3.84 7.46 -3.64
N GLN B 25 4.29 6.54 -2.79
CA GLN B 25 4.11 6.68 -1.35
C GLN B 25 5.29 6.02 -0.65
N ASP B 26 5.87 6.74 0.32
CA ASP B 26 7.01 6.24 1.06
C ASP B 26 8.15 5.87 0.13
N GLY B 27 8.34 6.68 -0.91
CA GLY B 27 9.40 6.44 -1.87
C GLY B 27 9.25 5.23 -2.77
N LYS B 28 8.04 4.73 -2.92
CA LYS B 28 7.81 3.56 -3.77
C LYS B 28 6.58 3.71 -4.66
N VAL B 29 6.72 3.33 -5.93
CA VAL B 29 5.60 3.40 -6.87
C VAL B 29 4.51 2.44 -6.40
N GLN B 30 3.28 2.95 -6.29
CA GLN B 30 2.15 2.16 -5.83
C GLN B 30 1.39 1.47 -6.95
N ASP B 31 1.46 2.04 -8.16
CA ASP B 31 0.78 1.49 -9.32
C ASP B 31 1.67 1.76 -10.53
N GLU B 32 2.25 0.71 -11.11
CA GLU B 32 3.14 0.87 -12.25
C GLU B 32 2.47 0.71 -13.62
N THR B 33 1.14 0.79 -13.65
CA THR B 33 0.41 0.65 -14.90
C THR B 33 0.94 1.53 -16.03
N ARG B 34 1.18 2.81 -15.75
CA ARG B 34 1.68 3.73 -16.79
C ARG B 34 3.04 3.31 -17.34
N ILE B 35 3.86 2.69 -16.49
CA ILE B 35 5.18 2.24 -16.91
C ILE B 35 4.99 1.00 -17.79
N LEU B 36 4.11 0.09 -17.37
CA LEU B 36 3.85 -1.11 -18.15
C LEU B 36 3.33 -0.76 -19.54
N GLU B 37 2.44 0.23 -19.60
CA GLU B 37 1.84 0.65 -20.87
C GLU B 37 2.85 1.26 -21.83
N SER B 38 3.96 1.74 -21.28
CA SER B 38 5.02 2.37 -22.06
C SER B 38 5.99 1.36 -22.71
N LEU B 39 6.07 0.16 -22.15
CA LEU B 39 7.01 -0.84 -22.65
C LEU B 39 6.96 -1.14 -24.15
N PRO B 40 5.76 -1.27 -24.73
CA PRO B 40 5.76 -1.55 -26.18
C PRO B 40 6.49 -0.47 -26.98
N THR B 41 6.32 0.79 -26.60
CA THR B 41 6.98 1.88 -27.28
C THR B 41 8.49 1.76 -27.11
N LEU B 42 8.93 1.51 -25.87
CA LEU B 42 10.35 1.39 -25.61
C LEU B 42 10.96 0.21 -26.35
N ARG B 43 10.30 -0.96 -26.30
CA ARG B 43 10.83 -2.12 -27.01
C ARG B 43 10.95 -1.86 -28.50
N HIS B 44 9.97 -1.19 -29.09
CA HIS B 44 10.02 -0.92 -30.53
C HIS B 44 11.22 -0.07 -30.90
N LEU B 45 11.49 0.97 -30.12
CA LEU B 45 12.62 1.84 -30.38
C LEU B 45 13.94 1.10 -30.19
N LEU B 46 14.03 0.31 -29.12
CA LEU B 46 15.24 -0.47 -28.88
C LEU B 46 15.44 -1.46 -30.02
N ALA B 47 14.34 -2.04 -30.49
CA ALA B 47 14.39 -3.01 -31.58
C ALA B 47 15.02 -2.39 -32.83
N GLY B 48 14.86 -1.07 -32.97
CA GLY B 48 15.41 -0.37 -34.13
C GLY B 48 16.85 0.08 -33.96
N GLY B 49 17.45 -0.24 -32.81
CA GLY B 49 18.84 0.12 -32.58
C GLY B 49 19.11 1.45 -31.90
N ALA B 50 18.08 2.02 -31.29
CA ALA B 50 18.27 3.32 -30.63
C ALA B 50 18.75 3.23 -29.19
N SER B 51 19.16 4.39 -28.68
CA SER B 51 19.50 4.52 -27.27
C SER B 51 18.36 5.48 -26.93
N LEU B 52 17.92 5.49 -25.67
CA LEU B 52 16.78 6.33 -25.30
C LEU B 52 16.99 7.23 -24.10
N VAL B 53 16.43 8.44 -24.20
CA VAL B 53 16.45 9.39 -23.09
C VAL B 53 14.96 9.63 -22.83
N LEU B 54 14.53 9.34 -21.61
CA LEU B 54 13.13 9.48 -21.23
C LEU B 54 12.88 10.67 -20.33
N LEU B 55 11.81 11.42 -20.63
CA LEU B 55 11.40 12.58 -19.85
C LEU B 55 9.98 12.36 -19.38
N SER B 56 9.70 12.73 -18.13
CA SER B 56 8.36 12.64 -17.61
C SER B 56 8.12 13.68 -16.54
N HIS B 57 6.86 13.94 -16.28
CA HIS B 57 6.49 14.83 -15.19
C HIS B 57 6.06 13.88 -14.08
N LEU B 58 5.95 14.41 -12.87
CA LEU B 58 5.48 13.64 -11.73
C LEU B 58 4.84 14.67 -10.81
N GLY B 59 3.54 14.49 -10.57
CA GLY B 59 2.83 15.44 -9.73
C GLY B 59 2.73 16.78 -10.44
N ARG B 60 2.43 17.83 -9.67
CA ARG B 60 2.30 19.17 -10.22
C ARG B 60 3.17 20.15 -9.42
N PRO B 61 4.39 19.77 -9.06
CA PRO B 61 5.21 20.71 -8.28
C PRO B 61 5.61 21.95 -9.08
N LYS B 62 5.74 23.07 -8.38
CA LYS B 62 6.15 24.32 -9.01
C LYS B 62 7.64 24.47 -8.74
N GLY B 63 8.43 23.57 -9.32
CA GLY B 63 9.87 23.61 -9.11
C GLY B 63 10.41 22.30 -8.59
N PRO B 64 11.69 22.26 -8.20
CA PRO B 64 12.35 21.05 -7.68
C PRO B 64 11.95 20.58 -6.28
N ASP B 65 10.75 20.05 -6.16
CA ASP B 65 10.23 19.53 -4.89
C ASP B 65 10.73 18.09 -4.80
N PRO B 66 11.63 17.80 -3.84
CA PRO B 66 12.16 16.43 -3.70
C PRO B 66 11.11 15.33 -3.53
N LYS B 67 9.93 15.68 -3.04
CA LYS B 67 8.87 14.69 -2.88
C LYS B 67 8.46 14.14 -4.24
N TYR B 68 8.68 14.93 -5.29
CA TYR B 68 8.30 14.52 -6.63
C TYR B 68 9.44 14.14 -7.55
N SER B 69 10.51 13.61 -6.97
CA SER B 69 11.64 13.15 -7.77
C SER B 69 11.21 11.85 -8.46
N LEU B 70 11.73 11.61 -9.65
CA LEU B 70 11.39 10.39 -10.39
C LEU B 70 12.20 9.17 -9.96
N ALA B 71 13.03 9.32 -8.94
CA ALA B 71 13.85 8.20 -8.48
C ALA B 71 13.06 6.91 -8.27
N PRO B 72 11.91 6.97 -7.58
CA PRO B 72 11.15 5.74 -7.37
C PRO B 72 10.69 5.11 -8.70
N VAL B 73 10.42 5.96 -9.68
CA VAL B 73 9.99 5.51 -10.99
C VAL B 73 11.15 4.83 -11.71
N GLY B 74 12.36 5.36 -11.51
CA GLY B 74 13.52 4.75 -12.13
C GLY B 74 13.67 3.32 -11.64
N GLU B 75 13.47 3.12 -10.34
CA GLU B 75 13.57 1.79 -9.76
C GLU B 75 12.53 0.83 -10.33
N ALA B 76 11.30 1.31 -10.46
CA ALA B 76 10.22 0.49 -11.01
C ALA B 76 10.50 0.14 -12.47
N LEU B 77 11.05 1.10 -13.21
CA LEU B 77 11.38 0.87 -14.61
C LEU B 77 12.50 -0.16 -14.78
N ARG B 78 13.52 -0.08 -13.93
CA ARG B 78 14.64 -1.01 -14.02
C ARG B 78 14.25 -2.46 -13.78
N ALA B 79 13.11 -2.70 -13.14
CA ALA B 79 12.66 -4.05 -12.89
C ALA B 79 12.33 -4.71 -14.23
N HIS B 80 11.99 -3.90 -15.22
CA HIS B 80 11.65 -4.37 -16.56
C HIS B 80 12.81 -4.21 -17.53
N LEU B 81 13.53 -3.10 -17.40
CA LEU B 81 14.67 -2.81 -18.25
C LEU B 81 15.90 -2.55 -17.39
N PRO B 82 16.60 -3.62 -16.98
CA PRO B 82 17.79 -3.47 -16.15
C PRO B 82 18.84 -2.55 -16.80
N GLU B 83 18.78 -2.44 -18.13
CA GLU B 83 19.72 -1.59 -18.86
C GLU B 83 19.37 -0.11 -18.74
N ALA B 84 18.29 0.18 -18.03
CA ALA B 84 17.87 1.56 -17.83
C ALA B 84 18.54 2.10 -16.57
N ARG B 85 18.78 3.40 -16.56
CA ARG B 85 19.40 4.05 -15.41
C ARG B 85 18.72 5.40 -15.18
N PHE B 86 18.62 5.80 -13.93
CA PHE B 86 18.01 7.07 -13.57
C PHE B 86 19.10 8.03 -13.13
N ALA B 87 19.06 9.26 -13.63
CA ALA B 87 20.03 10.29 -13.25
C ALA B 87 19.21 11.44 -12.68
N PRO B 88 19.44 11.78 -11.40
CA PRO B 88 18.72 12.85 -10.70
C PRO B 88 19.10 14.25 -11.12
N PHE B 89 19.13 14.51 -12.42
CA PHE B 89 19.47 15.83 -12.91
C PHE B 89 18.38 16.35 -13.85
N PRO B 90 17.95 17.60 -13.65
CA PRO B 90 16.91 18.23 -14.48
C PRO B 90 17.36 18.09 -15.92
N PRO B 91 16.42 17.78 -16.82
CA PRO B 91 16.75 17.60 -18.23
C PRO B 91 17.36 18.75 -19.02
N GLY B 92 17.30 19.96 -18.48
CA GLY B 92 17.89 21.09 -19.18
C GLY B 92 19.30 21.38 -18.69
N SER B 93 19.82 20.52 -17.83
CA SER B 93 21.16 20.71 -17.26
C SER B 93 22.31 20.17 -18.09
N GLU B 94 23.52 20.65 -17.81
CA GLU B 94 24.68 20.17 -18.53
C GLU B 94 25.02 18.74 -18.13
N GLU B 95 24.74 18.36 -16.89
CA GLU B 95 25.02 16.98 -16.46
C GLU B 95 24.10 16.04 -17.23
N ALA B 96 22.84 16.44 -17.42
CA ALA B 96 21.90 15.60 -18.16
C ALA B 96 22.41 15.42 -19.58
N ARG B 97 22.89 16.51 -20.19
CA ARG B 97 23.41 16.45 -21.54
C ARG B 97 24.59 15.49 -21.64
N ARG B 98 25.55 15.62 -20.73
CA ARG B 98 26.71 14.75 -20.75
C ARG B 98 26.34 13.28 -20.61
N GLU B 99 25.41 12.98 -19.72
CA GLU B 99 24.99 11.60 -19.53
C GLU B 99 24.26 11.07 -20.75
N ALA B 100 23.50 11.93 -21.42
CA ALA B 100 22.78 11.50 -22.62
C ALA B 100 23.76 11.23 -23.77
N GLU B 101 24.75 12.11 -23.94
CA GLU B 101 25.71 11.95 -25.02
C GLU B 101 26.58 10.71 -24.87
N ALA B 102 26.69 10.19 -23.65
CA ALA B 102 27.50 9.01 -23.39
C ALA B 102 26.77 7.69 -23.68
N LEU B 103 25.47 7.76 -23.92
CA LEU B 103 24.71 6.54 -24.18
C LEU B 103 25.11 5.83 -25.46
N ARG B 104 25.02 4.51 -25.42
CA ARG B 104 25.33 3.67 -26.56
C ARG B 104 24.04 2.94 -26.93
N PRO B 105 23.95 2.41 -28.16
CA PRO B 105 22.74 1.69 -28.56
C PRO B 105 22.26 0.67 -27.52
N GLY B 106 20.97 0.66 -27.25
CA GLY B 106 20.43 -0.28 -26.29
C GLY B 106 20.31 0.27 -24.89
N GLU B 107 20.97 1.38 -24.62
CA GLU B 107 20.93 1.99 -23.30
C GLU B 107 19.76 2.94 -23.13
N VAL B 108 19.23 3.01 -21.91
CA VAL B 108 18.07 3.84 -21.60
C VAL B 108 18.36 4.72 -20.38
N LEU B 109 18.05 6.01 -20.49
CA LEU B 109 18.29 6.95 -19.41
C LEU B 109 17.05 7.75 -19.07
N LEU B 110 16.63 7.68 -17.80
CA LEU B 110 15.47 8.46 -17.35
C LEU B 110 16.04 9.66 -16.59
N LEU B 111 15.65 10.87 -16.99
CA LEU B 111 16.12 12.07 -16.33
C LEU B 111 15.12 12.55 -15.27
N GLU B 112 15.49 13.58 -14.52
CA GLU B 112 14.63 14.08 -13.46
C GLU B 112 13.38 14.80 -13.98
N ASN B 113 12.36 14.82 -13.12
CA ASN B 113 11.05 15.44 -13.35
C ASN B 113 11.14 16.74 -14.16
N VAL B 114 10.50 16.78 -15.33
CA VAL B 114 10.56 17.99 -16.16
C VAL B 114 10.00 19.20 -15.44
N ARG B 115 9.13 18.98 -14.45
CA ARG B 115 8.54 20.11 -13.73
C ARG B 115 9.55 20.80 -12.80
N PHE B 116 10.73 20.22 -12.67
CA PHE B 116 11.78 20.80 -11.84
C PHE B 116 12.42 21.98 -12.58
N GLU B 117 12.22 22.03 -13.89
CA GLU B 117 12.77 23.10 -14.73
C GLU B 117 11.85 24.33 -14.69
N PRO B 118 12.39 25.50 -14.30
CA PRO B 118 11.55 26.70 -14.26
C PRO B 118 10.90 27.09 -15.58
N GLY B 119 11.55 26.74 -16.69
CA GLY B 119 11.00 27.10 -17.99
C GLY B 119 10.11 26.05 -18.63
N GLU B 120 9.92 24.92 -17.97
CA GLU B 120 9.11 23.85 -18.53
C GLU B 120 7.66 24.26 -18.86
N GLU B 121 6.94 24.77 -17.87
CA GLU B 121 5.54 25.14 -18.11
C GLU B 121 5.36 26.41 -18.93
N LYS B 122 6.45 27.16 -19.12
CA LYS B 122 6.40 28.38 -19.91
C LYS B 122 6.82 28.10 -21.36
N ASN B 123 7.10 26.84 -21.65
CA ASN B 123 7.54 26.43 -22.99
C ASN B 123 8.74 27.28 -23.42
N ASP B 124 9.67 27.44 -22.49
CA ASP B 124 10.90 28.21 -22.68
C ASP B 124 11.65 27.70 -23.92
N PRO B 125 11.89 28.58 -24.91
CA PRO B 125 12.60 28.22 -26.13
C PRO B 125 14.05 27.77 -25.96
N GLU B 126 14.78 28.39 -25.04
CA GLU B 126 16.17 27.98 -24.79
C GLU B 126 16.18 26.64 -24.10
N LEU B 127 15.25 26.44 -23.16
CA LEU B 127 15.15 25.16 -22.47
C LEU B 127 14.86 24.10 -23.52
N SER B 128 13.94 24.40 -24.42
CA SER B 128 13.58 23.46 -25.49
C SER B 128 14.81 23.14 -26.35
N ALA B 129 15.65 24.15 -26.59
CA ALA B 129 16.85 23.97 -27.39
C ALA B 129 17.83 23.06 -26.65
N ARG B 130 17.86 23.16 -25.32
CA ARG B 130 18.75 22.31 -24.55
C ARG B 130 18.20 20.88 -24.58
N TYR B 131 16.88 20.74 -24.53
CA TYR B 131 16.26 19.41 -24.60
C TYR B 131 16.59 18.78 -25.96
N ALA B 132 16.64 19.60 -27.01
CA ALA B 132 16.93 19.09 -28.34
C ALA B 132 18.31 18.47 -28.46
N ARG B 133 19.20 18.77 -27.53
CA ARG B 133 20.55 18.19 -27.55
C ARG B 133 20.53 16.76 -27.00
N LEU B 134 19.42 16.39 -26.35
CA LEU B 134 19.31 15.07 -25.75
C LEU B 134 19.05 13.92 -26.72
N GLY B 135 18.66 14.26 -27.95
CA GLY B 135 18.40 13.21 -28.93
C GLY B 135 18.34 13.77 -30.33
N GLU B 136 18.31 12.89 -31.33
CA GLU B 136 18.25 13.30 -32.73
C GLU B 136 16.82 13.25 -33.26
N ALA B 137 15.93 12.64 -32.49
CA ALA B 137 14.52 12.53 -32.83
C ALA B 137 13.71 12.60 -31.55
N PHE B 138 12.46 13.03 -31.66
CA PHE B 138 11.59 13.16 -30.50
C PHE B 138 10.32 12.33 -30.66
N VAL B 139 9.96 11.62 -29.60
CA VAL B 139 8.76 10.81 -29.58
C VAL B 139 7.87 11.28 -28.43
N LEU B 140 6.67 11.72 -28.75
CA LEU B 140 5.73 12.13 -27.71
C LEU B 140 4.81 10.95 -27.46
N ASP B 141 4.84 10.41 -26.25
CA ASP B 141 3.99 9.27 -25.93
C ASP B 141 3.18 9.54 -24.67
N ALA B 142 2.87 10.82 -24.44
CA ALA B 142 2.11 11.23 -23.28
C ALA B 142 0.91 12.08 -23.69
N PHE B 143 -0.17 11.41 -24.10
CA PHE B 143 -1.37 12.12 -24.52
C PHE B 143 -1.89 13.01 -23.39
N GLY B 144 -1.79 12.53 -22.16
CA GLY B 144 -2.26 13.27 -21.01
C GLY B 144 -1.56 14.60 -20.78
N SER B 145 -0.50 14.85 -21.53
CA SER B 145 0.25 16.09 -21.42
C SER B 145 0.18 16.91 -22.70
N ALA B 146 -0.47 16.33 -23.73
CA ALA B 146 -0.55 16.98 -25.04
C ALA B 146 -1.41 18.23 -25.15
N HIS B 147 -2.23 18.50 -24.13
CA HIS B 147 -3.07 19.69 -24.18
C HIS B 147 -2.35 20.92 -23.65
N ARG B 148 -1.12 20.75 -23.19
CA ARG B 148 -0.37 21.89 -22.67
C ARG B 148 0.90 22.19 -23.45
N ALA B 149 1.11 23.47 -23.72
CA ALA B 149 2.29 23.91 -24.46
C ALA B 149 3.46 24.01 -23.48
N HIS B 150 4.11 22.88 -23.26
CA HIS B 150 5.25 22.80 -22.36
C HIS B 150 6.51 22.47 -23.15
N ALA B 151 7.66 22.84 -22.60
CA ALA B 151 8.92 22.60 -23.30
C ALA B 151 9.19 21.15 -23.69
N SER B 152 8.82 20.20 -22.83
CA SER B 152 9.05 18.79 -23.12
C SER B 152 7.93 18.12 -23.91
N VAL B 153 6.96 18.92 -24.33
CA VAL B 153 5.81 18.41 -25.08
C VAL B 153 5.75 19.04 -26.47
N VAL B 154 5.71 20.37 -26.49
CA VAL B 154 5.65 21.14 -27.74
C VAL B 154 6.97 21.79 -28.11
N GLY B 155 7.60 22.46 -27.14
CA GLY B 155 8.84 23.16 -27.40
C GLY B 155 9.93 22.39 -28.13
N VAL B 156 10.33 21.26 -27.57
CA VAL B 156 11.39 20.47 -28.18
C VAL B 156 10.94 19.81 -29.49
N ALA B 157 9.64 19.53 -29.61
CA ALA B 157 9.10 18.89 -30.79
C ALA B 157 9.28 19.77 -32.03
N ARG B 158 9.37 21.08 -31.83
CA ARG B 158 9.56 22.02 -32.93
C ARG B 158 11.01 22.05 -33.44
N LEU B 159 11.92 21.47 -32.66
CA LEU B 159 13.34 21.48 -33.01
C LEU B 159 13.90 20.15 -33.50
N LEU B 160 13.15 19.09 -33.32
CA LEU B 160 13.58 17.75 -33.74
C LEU B 160 12.48 17.06 -34.51
N PRO B 161 12.84 16.13 -35.41
CA PRO B 161 11.78 15.43 -36.14
C PRO B 161 10.97 14.76 -35.03
N ALA B 162 9.66 15.00 -35.01
CA ALA B 162 8.81 14.47 -33.96
C ALA B 162 7.80 13.42 -34.41
N TYR B 163 7.58 12.44 -33.56
CA TYR B 163 6.68 11.32 -33.84
C TYR B 163 5.82 10.95 -32.64
N ALA B 164 4.66 10.37 -32.89
CA ALA B 164 3.79 9.92 -31.81
C ALA B 164 4.18 8.50 -31.42
N GLY B 165 4.27 8.23 -30.11
CA GLY B 165 4.59 6.90 -29.65
C GLY B 165 3.32 6.06 -29.76
N PHE B 166 3.38 4.78 -29.40
CA PHE B 166 2.18 3.93 -29.53
C PHE B 166 1.00 4.33 -28.66
N LEU B 167 1.25 4.86 -27.46
CA LEU B 167 0.15 5.25 -26.59
C LEU B 167 -0.52 6.51 -27.13
N MET B 168 0.31 7.48 -27.53
CA MET B 168 -0.18 8.73 -28.09
C MET B 168 -1.02 8.42 -29.34
N GLU B 169 -0.50 7.53 -30.17
CA GLU B 169 -1.19 7.15 -31.40
C GLU B 169 -2.53 6.50 -31.09
N LYS B 170 -2.55 5.58 -30.13
CA LYS B 170 -3.81 4.90 -29.76
C LYS B 170 -4.86 5.89 -29.32
N GLU B 171 -4.47 6.85 -28.49
CA GLU B 171 -5.39 7.87 -27.99
C GLU B 171 -5.98 8.69 -29.13
N VAL B 172 -5.10 9.20 -29.99
CA VAL B 172 -5.53 10.01 -31.12
C VAL B 172 -6.43 9.25 -32.06
N ARG B 173 -6.07 8.00 -32.38
CA ARG B 173 -6.89 7.21 -33.30
C ARG B 173 -8.26 6.89 -32.72
N ALA B 174 -8.30 6.50 -31.46
CA ALA B 174 -9.57 6.17 -30.81
C ALA B 174 -10.49 7.39 -30.72
N LEU B 175 -9.96 8.51 -30.25
CA LEU B 175 -10.77 9.71 -30.12
C LEU B 175 -11.18 10.24 -31.50
N SER B 176 -10.31 10.07 -32.49
CA SER B 176 -10.60 10.54 -33.85
C SER B 176 -11.77 9.78 -34.45
N ARG B 177 -11.92 8.51 -34.08
CA ARG B 177 -13.02 7.70 -34.60
C ARG B 177 -14.35 8.33 -34.18
N LEU B 178 -14.36 8.94 -32.99
CA LEU B 178 -15.56 9.57 -32.47
C LEU B 178 -15.91 10.85 -33.22
N LEU B 179 -14.96 11.37 -33.99
CA LEU B 179 -15.18 12.59 -34.75
C LEU B 179 -15.36 12.34 -36.24
N LYS B 180 -15.12 11.13 -36.70
CA LYS B 180 -15.28 10.87 -38.11
C LYS B 180 -16.67 10.31 -38.37
N ASP B 181 -16.77 9.03 -38.72
CA ASP B 181 -18.09 8.43 -38.99
C ASP B 181 -18.40 7.21 -38.15
N PRO B 182 -18.43 7.36 -36.83
CA PRO B 182 -18.73 6.17 -36.02
C PRO B 182 -20.12 5.56 -36.27
N GLU B 183 -20.28 4.29 -35.90
CA GLU B 183 -21.54 3.60 -36.11
C GLU B 183 -22.61 4.14 -35.19
N ARG B 184 -23.84 4.11 -35.68
CA ARG B 184 -24.98 4.60 -34.90
C ARG B 184 -25.79 3.39 -34.41
N PRO B 185 -26.53 3.54 -33.31
CA PRO B 185 -26.70 4.75 -32.48
C PRO B 185 -25.41 5.15 -31.76
N TYR B 186 -25.19 6.45 -31.68
CA TYR B 186 -24.02 7.02 -31.04
C TYR B 186 -24.48 7.76 -29.78
N ALA B 187 -24.11 7.25 -28.61
CA ALA B 187 -24.50 7.85 -27.35
C ALA B 187 -23.30 8.47 -26.63
N VAL B 188 -23.57 9.56 -25.93
CA VAL B 188 -22.54 10.24 -25.15
C VAL B 188 -23.08 10.37 -23.74
N VAL B 189 -22.23 10.03 -22.78
CA VAL B 189 -22.59 10.13 -21.36
C VAL B 189 -21.64 11.14 -20.75
N LEU B 190 -22.18 12.22 -20.21
CA LEU B 190 -21.35 13.25 -19.60
C LEU B 190 -21.75 13.49 -18.15
N GLY B 191 -20.75 13.58 -17.29
CA GLY B 191 -21.00 13.83 -15.89
C GLY B 191 -20.12 14.98 -15.44
N GLY B 192 -20.26 15.40 -14.20
CA GLY B 192 -19.47 16.50 -13.70
C GLY B 192 -20.32 17.46 -12.88
N ALA B 193 -19.66 18.34 -12.14
CA ALA B 193 -20.37 19.28 -11.30
C ALA B 193 -20.80 20.57 -12.00
N LYS B 194 -20.08 20.98 -13.05
CA LYS B 194 -20.41 22.22 -13.73
C LYS B 194 -20.61 22.09 -15.24
N VAL B 195 -21.77 22.55 -15.72
CA VAL B 195 -22.07 22.49 -17.14
C VAL B 195 -21.17 23.49 -17.89
N SER B 196 -20.69 24.49 -17.17
CA SER B 196 -19.83 25.50 -17.78
C SER B 196 -18.55 24.85 -18.29
N ASP B 197 -18.22 23.69 -17.74
CA ASP B 197 -17.00 22.97 -18.13
C ASP B 197 -17.23 22.04 -19.31
N LYS B 198 -18.48 21.89 -19.72
CA LYS B 198 -18.83 21.00 -20.82
C LYS B 198 -19.45 21.70 -22.04
N ILE B 199 -19.59 23.02 -21.99
CA ILE B 199 -20.18 23.78 -23.10
C ILE B 199 -19.55 23.49 -24.46
N GLY B 200 -18.23 23.68 -24.54
CA GLY B 200 -17.54 23.46 -25.80
C GLY B 200 -17.66 22.06 -26.36
N VAL B 201 -17.45 21.05 -25.51
CA VAL B 201 -17.53 19.67 -25.97
C VAL B 201 -18.95 19.26 -26.34
N ILE B 202 -19.94 19.79 -25.63
CA ILE B 202 -21.33 19.47 -25.95
C ILE B 202 -21.70 20.04 -27.30
N GLU B 203 -21.34 21.30 -27.56
CA GLU B 203 -21.66 21.92 -28.83
C GLU B 203 -20.93 21.22 -29.97
N SER B 204 -19.75 20.69 -29.69
CA SER B 204 -18.97 20.00 -30.69
C SER B 204 -19.56 18.63 -31.03
N LEU B 205 -20.06 17.93 -30.02
CA LEU B 205 -20.61 16.60 -30.22
C LEU B 205 -22.07 16.51 -30.67
N LEU B 206 -22.90 17.47 -30.28
CA LEU B 206 -24.32 17.42 -30.65
C LEU B 206 -24.62 17.13 -32.13
N PRO B 207 -23.90 17.78 -33.05
CA PRO B 207 -24.16 17.55 -34.48
C PRO B 207 -23.75 16.15 -34.98
N ARG B 208 -23.07 15.40 -34.11
CA ARG B 208 -22.56 14.08 -34.49
C ARG B 208 -23.23 12.89 -33.81
N ILE B 209 -24.03 13.13 -32.77
CA ILE B 209 -24.61 12.02 -32.02
C ILE B 209 -26.12 11.82 -32.07
N ASP B 210 -26.58 10.77 -31.39
CA ASP B 210 -28.00 10.44 -31.34
C ASP B 210 -28.60 10.58 -29.95
N ARG B 211 -27.81 10.29 -28.92
CA ARG B 211 -28.28 10.37 -27.54
C ARG B 211 -27.24 10.99 -26.62
N LEU B 212 -27.73 11.80 -25.68
CA LEU B 212 -26.88 12.46 -24.71
C LEU B 212 -27.46 12.26 -23.31
N LEU B 213 -26.71 11.55 -22.47
CA LEU B 213 -27.11 11.29 -21.09
C LEU B 213 -26.31 12.24 -20.21
N ILE B 214 -27.00 12.96 -19.34
CA ILE B 214 -26.38 13.92 -18.46
C ILE B 214 -26.56 13.58 -16.99
N GLY B 215 -25.45 13.43 -16.28
CA GLY B 215 -25.49 13.09 -14.87
C GLY B 215 -24.56 14.01 -14.09
N GLY B 216 -24.42 13.76 -12.80
CA GLY B 216 -23.57 14.61 -11.98
C GLY B 216 -24.32 15.86 -11.58
N ALA B 217 -23.70 16.67 -10.73
CA ALA B 217 -24.33 17.90 -10.24
C ALA B 217 -24.74 18.87 -11.35
N MET B 218 -24.04 18.84 -12.47
CA MET B 218 -24.38 19.76 -13.54
C MET B 218 -25.82 19.54 -14.02
N ALA B 219 -26.33 18.34 -13.82
CA ALA B 219 -27.69 18.04 -14.24
C ALA B 219 -28.69 18.95 -13.52
N PHE B 220 -28.36 19.39 -12.31
CA PHE B 220 -29.26 20.24 -11.55
C PHE B 220 -29.46 21.63 -12.15
N THR B 221 -28.46 22.10 -12.88
CA THR B 221 -28.59 23.40 -13.53
C THR B 221 -29.62 23.25 -14.65
N PHE B 222 -29.55 22.14 -15.37
CA PHE B 222 -30.52 21.88 -16.44
C PHE B 222 -31.92 21.73 -15.85
N LEU B 223 -32.03 20.92 -14.81
CA LEU B 223 -33.31 20.67 -14.16
C LEU B 223 -33.95 21.93 -13.59
N LYS B 224 -33.18 22.78 -12.94
CA LYS B 224 -33.73 24.01 -12.39
C LYS B 224 -34.21 24.91 -13.53
N ALA B 225 -33.41 25.01 -14.59
CA ALA B 225 -33.77 25.82 -15.74
C ALA B 225 -35.09 25.36 -16.34
N LEU B 226 -35.36 24.06 -16.26
CA LEU B 226 -36.58 23.47 -16.81
C LEU B 226 -37.80 23.58 -15.89
N GLY B 227 -37.63 24.23 -14.74
CA GLY B 227 -38.74 24.38 -13.81
C GLY B 227 -38.73 23.47 -12.61
N GLY B 228 -37.73 22.61 -12.52
CA GLY B 228 -37.65 21.69 -11.40
C GLY B 228 -37.19 22.35 -10.10
N GLU B 229 -37.48 21.70 -8.99
CA GLU B 229 -37.07 22.19 -7.67
C GLU B 229 -35.96 21.27 -7.20
N VAL B 230 -34.74 21.80 -7.16
CA VAL B 230 -33.59 20.99 -6.77
C VAL B 230 -33.07 21.21 -5.34
N GLY B 231 -33.89 21.83 -4.50
CA GLY B 231 -33.49 22.07 -3.12
C GLY B 231 -32.18 22.82 -2.98
N ARG B 232 -31.26 22.27 -2.20
CA ARG B 232 -29.97 22.90 -2.00
C ARG B 232 -28.88 22.30 -2.86
N SER B 233 -29.29 21.60 -3.92
CA SER B 233 -28.35 20.97 -4.84
C SER B 233 -27.45 22.02 -5.51
N LEU B 234 -26.27 21.59 -5.95
CA LEU B 234 -25.32 22.48 -6.61
C LEU B 234 -25.82 22.95 -7.97
N VAL B 235 -25.96 24.26 -8.12
CA VAL B 235 -26.45 24.85 -9.37
C VAL B 235 -25.64 26.08 -9.75
N GLU B 236 -25.44 26.26 -11.06
CA GLU B 236 -24.74 27.44 -11.56
C GLU B 236 -25.83 28.41 -11.99
N GLU B 237 -26.29 29.22 -11.06
CA GLU B 237 -27.36 30.19 -11.31
C GLU B 237 -27.12 31.04 -12.56
N ASP B 238 -25.86 31.31 -12.86
CA ASP B 238 -25.49 32.13 -14.02
C ASP B 238 -25.43 31.34 -15.33
N ARG B 239 -25.82 30.08 -15.29
CA ARG B 239 -25.79 29.25 -16.48
C ARG B 239 -27.15 28.61 -16.78
N LEU B 240 -28.20 29.09 -16.12
CA LEU B 240 -29.53 28.56 -16.33
C LEU B 240 -30.00 28.69 -17.78
N ASP B 241 -29.88 29.89 -18.34
CA ASP B 241 -30.31 30.11 -19.72
C ASP B 241 -29.46 29.31 -20.70
N LEU B 242 -28.16 29.27 -20.47
CA LEU B 242 -27.25 28.53 -21.34
C LEU B 242 -27.60 27.05 -21.37
N ALA B 243 -27.91 26.49 -20.21
CA ALA B 243 -28.27 25.08 -20.13
C ALA B 243 -29.52 24.81 -20.96
N LYS B 244 -30.51 25.69 -20.85
CA LYS B 244 -31.73 25.52 -21.61
C LYS B 244 -31.46 25.67 -23.10
N ASP B 245 -30.57 26.59 -23.47
CA ASP B 245 -30.24 26.78 -24.87
C ASP B 245 -29.57 25.52 -25.43
N LEU B 246 -28.77 24.85 -24.60
CA LEU B 246 -28.09 23.63 -25.02
C LEU B 246 -29.11 22.53 -25.31
N LEU B 247 -30.14 22.43 -24.49
CA LEU B 247 -31.18 21.43 -24.71
C LEU B 247 -31.91 21.81 -26.00
N GLY B 248 -32.01 23.10 -26.26
CA GLY B 248 -32.65 23.56 -27.47
C GLY B 248 -31.85 23.12 -28.68
N ARG B 249 -30.52 23.21 -28.59
CA ARG B 249 -29.66 22.79 -29.69
C ARG B 249 -29.84 21.29 -29.95
N ALA B 250 -29.95 20.52 -28.87
CA ALA B 250 -30.14 19.08 -29.00
C ALA B 250 -31.43 18.80 -29.78
N GLU B 251 -32.51 19.46 -29.40
CA GLU B 251 -33.79 19.28 -30.09
C GLU B 251 -33.64 19.64 -31.57
N ALA B 252 -32.97 20.75 -31.84
CA ALA B 252 -32.76 21.20 -33.20
C ALA B 252 -31.95 20.21 -34.02
N LEU B 253 -31.02 19.52 -33.36
CA LEU B 253 -30.16 18.57 -34.06
C LEU B 253 -30.60 17.12 -33.98
N GLY B 254 -31.80 16.87 -33.47
CA GLY B 254 -32.30 15.51 -33.39
C GLY B 254 -31.60 14.60 -32.40
N VAL B 255 -31.10 15.19 -31.32
CA VAL B 255 -30.41 14.42 -30.29
C VAL B 255 -31.35 14.23 -29.10
N ARG B 256 -31.58 12.99 -28.71
CA ARG B 256 -32.44 12.71 -27.57
C ARG B 256 -31.61 12.85 -26.31
N VAL B 257 -32.08 13.67 -25.38
CA VAL B 257 -31.38 13.90 -24.13
C VAL B 257 -32.02 13.15 -22.98
N TYR B 258 -31.18 12.65 -22.07
CA TYR B 258 -31.65 11.94 -20.89
C TYR B 258 -31.12 12.64 -19.66
N LEU B 259 -32.00 12.95 -18.73
CA LEU B 259 -31.63 13.61 -17.48
C LEU B 259 -32.11 12.73 -16.31
N PRO B 260 -31.58 12.96 -15.11
CA PRO B 260 -32.00 12.14 -13.98
C PRO B 260 -33.50 12.25 -13.67
N GLU B 261 -34.08 11.13 -13.27
CA GLU B 261 -35.49 11.07 -12.88
C GLU B 261 -35.51 11.19 -11.36
N ASP B 262 -34.52 10.58 -10.72
CA ASP B 262 -34.42 10.61 -9.26
C ASP B 262 -32.96 10.73 -8.82
N VAL B 263 -32.77 11.03 -7.54
CA VAL B 263 -31.42 11.18 -7.00
C VAL B 263 -31.35 10.66 -5.57
N VAL B 264 -30.13 10.38 -5.11
CA VAL B 264 -29.91 9.98 -3.73
C VAL B 264 -29.50 11.31 -3.14
N ALA B 265 -30.16 11.73 -2.07
CA ALA B 265 -29.85 13.02 -1.46
C ALA B 265 -29.52 12.92 0.02
N ALA B 266 -28.91 13.99 0.53
CA ALA B 266 -28.54 14.08 1.94
C ALA B 266 -28.45 15.55 2.31
N GLU B 267 -28.40 15.83 3.61
CA GLU B 267 -28.32 17.21 4.06
C GLU B 267 -26.90 17.74 3.94
N ARG B 268 -25.94 16.84 3.88
CA ARG B 268 -24.55 17.22 3.74
C ARG B 268 -23.70 16.09 3.17
N ILE B 269 -22.55 16.46 2.62
CA ILE B 269 -21.63 15.50 2.02
C ILE B 269 -20.71 14.99 3.12
N GLU B 270 -21.16 13.95 3.81
CA GLU B 270 -20.41 13.37 4.92
C GLU B 270 -20.49 11.85 4.87
N ALA B 271 -19.49 11.19 5.44
CA ALA B 271 -19.44 9.73 5.46
C ALA B 271 -20.55 9.13 6.32
N GLY B 272 -21.23 8.12 5.78
CA GLY B 272 -22.29 7.44 6.50
C GLY B 272 -23.52 8.29 6.78
N VAL B 273 -23.61 9.45 6.15
CA VAL B 273 -24.75 10.35 6.35
C VAL B 273 -26.09 9.73 5.97
N GLU B 274 -27.13 10.16 6.67
CA GLU B 274 -28.49 9.70 6.43
C GLU B 274 -28.84 10.10 4.99
N THR B 275 -29.58 9.25 4.29
CA THR B 275 -29.94 9.54 2.91
C THR B 275 -31.42 9.37 2.61
N ARG B 276 -31.85 9.99 1.52
CA ARG B 276 -33.23 9.92 1.07
C ARG B 276 -33.21 9.94 -0.46
N VAL B 277 -34.22 9.33 -1.08
CA VAL B 277 -34.31 9.30 -2.52
C VAL B 277 -35.48 10.20 -2.94
N PHE B 278 -35.20 11.16 -3.80
CA PHE B 278 -36.22 12.10 -4.25
C PHE B 278 -36.25 12.23 -5.78
N PRO B 279 -37.38 12.70 -6.32
CA PRO B 279 -37.45 12.87 -7.77
C PRO B 279 -36.46 14.02 -7.97
N ALA B 280 -35.68 13.97 -9.05
CA ALA B 280 -34.68 15.00 -9.30
C ALA B 280 -35.27 16.40 -9.46
N ARG B 281 -36.55 16.48 -9.81
CA ARG B 281 -37.21 17.76 -10.00
C ARG B 281 -38.00 18.19 -8.76
N ALA B 282 -37.91 17.41 -7.70
CA ALA B 282 -38.62 17.72 -6.47
C ALA B 282 -37.79 17.35 -5.24
N ILE B 283 -36.62 17.97 -5.12
CA ILE B 283 -35.73 17.74 -3.98
C ILE B 283 -36.06 18.82 -2.96
N PRO B 284 -36.69 18.44 -1.84
CA PRO B 284 -37.04 19.42 -0.80
C PRO B 284 -35.85 19.93 0.00
N VAL B 285 -35.88 21.22 0.33
CA VAL B 285 -34.82 21.83 1.13
C VAL B 285 -34.89 21.15 2.50
N PRO B 286 -33.75 20.99 3.18
CA PRO B 286 -32.40 21.42 2.80
C PRO B 286 -31.58 20.31 2.13
N TYR B 287 -32.23 19.34 1.52
CA TYR B 287 -31.52 18.24 0.87
C TYR B 287 -30.82 18.66 -0.42
N MET B 288 -29.76 17.94 -0.75
CA MET B 288 -29.00 18.19 -1.97
C MET B 288 -28.77 16.85 -2.66
N GLY B 289 -28.93 16.83 -3.98
CA GLY B 289 -28.73 15.60 -4.74
C GLY B 289 -27.24 15.29 -4.84
N LEU B 290 -26.85 14.10 -4.41
CA LEU B 290 -25.45 13.72 -4.43
C LEU B 290 -25.08 12.58 -5.39
N ASP B 291 -26.08 11.91 -5.95
CA ASP B 291 -25.82 10.82 -6.90
C ASP B 291 -27.13 10.52 -7.62
N ILE B 292 -27.04 9.90 -8.79
CA ILE B 292 -28.24 9.54 -9.53
C ILE B 292 -28.94 8.41 -8.78
N GLY B 293 -30.27 8.40 -8.84
CA GLY B 293 -31.03 7.39 -8.13
C GLY B 293 -31.28 6.10 -8.89
N PRO B 294 -32.05 5.18 -8.31
CA PRO B 294 -32.35 3.89 -8.94
C PRO B 294 -33.06 3.99 -10.29
N LYS B 295 -34.08 4.83 -10.38
CA LYS B 295 -34.79 4.98 -11.64
C LYS B 295 -33.85 5.52 -12.71
N THR B 296 -32.96 6.42 -12.31
CA THR B 296 -32.01 7.00 -13.26
C THR B 296 -30.99 5.97 -13.73
N ARG B 297 -30.44 5.19 -12.78
CA ARG B 297 -29.47 4.17 -13.14
C ARG B 297 -30.09 3.18 -14.12
N GLU B 298 -31.34 2.81 -13.86
CA GLU B 298 -32.04 1.88 -14.73
C GLU B 298 -32.28 2.50 -16.12
N ALA B 299 -32.76 3.74 -16.13
CA ALA B 299 -33.07 4.44 -17.37
C ALA B 299 -31.82 4.70 -18.22
N PHE B 300 -30.72 5.05 -17.56
CA PHE B 300 -29.49 5.30 -18.30
C PHE B 300 -28.99 4.00 -18.93
N ALA B 301 -29.10 2.90 -18.21
CA ALA B 301 -28.67 1.61 -18.75
C ALA B 301 -29.52 1.28 -19.97
N ARG B 302 -30.83 1.50 -19.86
CA ARG B 302 -31.72 1.22 -20.99
C ARG B 302 -31.47 2.15 -22.17
N ALA B 303 -31.07 3.39 -21.89
CA ALA B 303 -30.81 4.36 -22.94
C ALA B 303 -29.59 3.96 -23.77
N LEU B 304 -28.71 3.17 -23.18
CA LEU B 304 -27.49 2.72 -23.86
C LEU B 304 -27.71 1.47 -24.70
N GLU B 305 -28.83 0.79 -24.47
CA GLU B 305 -29.13 -0.43 -25.20
C GLU B 305 -29.19 -0.18 -26.70
N GLY B 306 -28.47 -0.99 -27.47
CA GLY B 306 -28.48 -0.84 -28.91
C GLY B 306 -27.42 0.10 -29.44
N ALA B 307 -26.78 0.87 -28.55
CA ALA B 307 -25.76 1.81 -28.97
C ALA B 307 -24.58 1.08 -29.62
N ARG B 308 -24.06 1.64 -30.71
CA ARG B 308 -22.93 1.04 -31.41
C ARG B 308 -21.66 1.85 -31.14
N THR B 309 -21.83 3.05 -30.61
CA THR B 309 -20.69 3.91 -30.25
C THR B 309 -21.07 4.63 -28.97
N VAL B 310 -20.17 4.62 -27.99
CA VAL B 310 -20.42 5.31 -26.73
C VAL B 310 -19.18 6.02 -26.24
N PHE B 311 -19.34 7.28 -25.86
CA PHE B 311 -18.24 8.03 -25.26
C PHE B 311 -18.75 8.49 -23.91
N TRP B 312 -17.99 8.19 -22.87
CA TRP B 312 -18.36 8.55 -21.50
C TRP B 312 -17.25 9.32 -20.82
N ASN B 313 -17.61 10.43 -20.20
CA ASN B 313 -16.66 11.22 -19.44
C ASN B 313 -17.37 11.93 -18.29
N GLY B 314 -16.97 11.61 -17.06
CA GLY B 314 -17.55 12.28 -15.91
C GLY B 314 -18.33 11.47 -14.90
N PRO B 315 -18.30 11.90 -13.63
CA PRO B 315 -19.02 11.23 -12.54
C PRO B 315 -20.51 11.51 -12.55
N MET B 316 -21.29 10.57 -12.04
CA MET B 316 -22.73 10.70 -11.97
C MET B 316 -23.16 11.28 -10.62
N GLY B 317 -22.19 11.44 -9.73
CA GLY B 317 -22.45 11.98 -8.40
C GLY B 317 -21.13 12.37 -7.75
N VAL B 318 -21.13 12.59 -6.44
CA VAL B 318 -19.91 12.96 -5.73
C VAL B 318 -19.07 11.69 -5.56
N PHE B 319 -18.32 11.37 -6.60
CA PHE B 319 -17.48 10.17 -6.66
C PHE B 319 -16.51 10.00 -5.51
N GLU B 320 -15.95 11.10 -5.01
CA GLU B 320 -14.97 11.02 -3.91
C GLU B 320 -15.54 10.64 -2.56
N VAL B 321 -16.86 10.67 -2.42
CA VAL B 321 -17.48 10.34 -1.15
C VAL B 321 -18.46 9.19 -1.21
N PRO B 322 -18.00 7.97 -0.91
CA PRO B 322 -18.90 6.81 -0.94
C PRO B 322 -20.05 7.13 0.02
N PRO B 323 -21.26 6.62 -0.25
CA PRO B 323 -21.65 5.76 -1.37
C PRO B 323 -22.09 6.52 -2.61
N PHE B 324 -21.74 7.79 -2.70
CA PHE B 324 -22.17 8.61 -3.83
C PHE B 324 -21.37 8.37 -5.10
N ASP B 325 -20.61 7.28 -5.11
CA ASP B 325 -19.82 6.89 -6.27
C ASP B 325 -20.54 5.72 -6.97
N GLU B 326 -21.56 5.18 -6.33
CA GLU B 326 -22.27 4.03 -6.86
C GLU B 326 -22.96 4.20 -8.21
N GLY B 327 -23.52 5.38 -8.46
CA GLY B 327 -24.17 5.61 -9.74
C GLY B 327 -23.14 5.61 -10.87
N THR B 328 -21.96 6.13 -10.56
CA THR B 328 -20.87 6.18 -11.53
C THR B 328 -20.39 4.76 -11.83
N LEU B 329 -20.24 3.96 -10.80
CA LEU B 329 -19.80 2.57 -10.98
C LEU B 329 -20.83 1.81 -11.82
N ALA B 330 -22.11 2.05 -11.55
CA ALA B 330 -23.19 1.38 -12.29
C ALA B 330 -23.15 1.73 -13.78
N VAL B 331 -22.92 3.00 -14.09
CA VAL B 331 -22.86 3.41 -15.48
C VAL B 331 -21.68 2.73 -16.17
N GLY B 332 -20.55 2.65 -15.48
CA GLY B 332 -19.40 1.99 -16.05
C GLY B 332 -19.69 0.53 -16.39
N GLN B 333 -20.34 -0.16 -15.47
CA GLN B 333 -20.67 -1.56 -15.70
C GLN B 333 -21.70 -1.74 -16.81
N ALA B 334 -22.62 -0.79 -16.92
CA ALA B 334 -23.63 -0.87 -17.99
C ALA B 334 -22.97 -0.71 -19.35
N ILE B 335 -22.02 0.21 -19.45
CA ILE B 335 -21.33 0.42 -20.73
C ILE B 335 -20.42 -0.77 -21.03
N ALA B 336 -19.77 -1.30 -20.00
CA ALA B 336 -18.88 -2.44 -20.19
C ALA B 336 -19.67 -3.65 -20.68
N ALA B 337 -20.93 -3.76 -20.26
CA ALA B 337 -21.79 -4.88 -20.62
C ALA B 337 -22.26 -4.86 -22.08
N LEU B 338 -22.17 -3.70 -22.73
CA LEU B 338 -22.60 -3.61 -24.13
C LEU B 338 -21.83 -4.59 -25.00
N GLU B 339 -22.49 -5.11 -26.02
CA GLU B 339 -21.84 -6.06 -26.91
C GLU B 339 -21.70 -5.52 -28.33
N GLY B 340 -20.48 -5.57 -28.86
CA GLY B 340 -20.22 -5.11 -30.22
C GLY B 340 -20.19 -3.62 -30.45
N ALA B 341 -20.15 -2.83 -29.38
CA ALA B 341 -20.11 -1.37 -29.51
C ALA B 341 -18.69 -0.85 -29.33
N PHE B 342 -18.40 0.29 -29.95
CA PHE B 342 -17.09 0.91 -29.79
C PHE B 342 -17.28 1.86 -28.61
N THR B 343 -16.69 1.53 -27.47
CA THR B 343 -16.84 2.32 -26.28
C THR B 343 -15.55 2.98 -25.84
N VAL B 344 -15.65 4.25 -25.46
CA VAL B 344 -14.51 5.03 -25.03
C VAL B 344 -14.84 5.77 -23.75
N VAL B 345 -13.90 5.74 -22.80
CA VAL B 345 -14.10 6.43 -21.53
C VAL B 345 -12.92 7.34 -21.24
N GLY B 346 -13.22 8.52 -20.71
CA GLY B 346 -12.19 9.49 -20.36
C GLY B 346 -12.63 10.17 -19.08
N GLY B 347 -11.79 11.02 -18.52
CA GLY B 347 -12.14 11.71 -17.29
C GLY B 347 -11.64 10.99 -16.06
N GLY B 348 -11.16 11.76 -15.08
CA GLY B 348 -10.64 11.19 -13.87
C GLY B 348 -11.50 10.20 -13.10
N ASP B 349 -12.69 10.62 -12.69
CA ASP B 349 -13.58 9.74 -11.93
C ASP B 349 -14.12 8.55 -12.70
N SER B 350 -14.48 8.76 -13.96
CA SER B 350 -15.01 7.67 -14.78
C SER B 350 -13.93 6.64 -15.07
N VAL B 351 -12.71 7.09 -15.38
CA VAL B 351 -11.63 6.14 -15.63
C VAL B 351 -11.31 5.41 -14.33
N ALA B 352 -11.36 6.12 -13.21
CA ALA B 352 -11.08 5.49 -11.92
C ALA B 352 -12.11 4.38 -11.65
N ALA B 353 -13.36 4.65 -11.99
CA ALA B 353 -14.43 3.67 -11.78
C ALA B 353 -14.19 2.42 -12.60
N VAL B 354 -13.82 2.61 -13.86
CA VAL B 354 -13.56 1.50 -14.78
C VAL B 354 -12.43 0.64 -14.28
N ASN B 355 -11.36 1.26 -13.79
CA ASN B 355 -10.22 0.48 -13.31
C ASN B 355 -10.52 -0.23 -12.00
N ARG B 356 -11.27 0.43 -11.12
CA ARG B 356 -11.60 -0.17 -9.83
C ARG B 356 -12.34 -1.48 -9.98
N LEU B 357 -13.24 -1.55 -10.96
CA LEU B 357 -14.03 -2.76 -11.18
C LEU B 357 -13.47 -3.68 -12.27
N GLY B 358 -12.22 -3.44 -12.65
CA GLY B 358 -11.55 -4.26 -13.65
C GLY B 358 -12.26 -4.35 -14.99
N LEU B 359 -12.73 -3.20 -15.46
CA LEU B 359 -13.46 -3.17 -16.73
C LEU B 359 -12.65 -2.65 -17.93
N LYS B 360 -11.40 -2.27 -17.72
CA LYS B 360 -10.57 -1.74 -18.81
C LYS B 360 -10.62 -2.53 -20.12
N GLU B 361 -10.36 -3.83 -20.06
CA GLU B 361 -10.36 -4.64 -21.28
C GLU B 361 -11.72 -4.75 -21.94
N ARG B 362 -12.78 -4.48 -21.21
CA ARG B 362 -14.13 -4.55 -21.79
C ARG B 362 -14.56 -3.27 -22.49
N PHE B 363 -13.71 -2.25 -22.42
CA PHE B 363 -13.97 -0.98 -23.10
C PHE B 363 -13.12 -0.97 -24.37
N GLY B 364 -13.58 -0.25 -25.39
CA GLY B 364 -12.82 -0.16 -26.61
C GLY B 364 -11.54 0.61 -26.38
N HIS B 365 -11.65 1.73 -25.68
CA HIS B 365 -10.48 2.54 -25.37
C HIS B 365 -10.68 3.29 -24.06
N VAL B 366 -9.69 3.21 -23.19
CA VAL B 366 -9.72 3.91 -21.91
C VAL B 366 -8.70 5.04 -22.03
N SER B 367 -9.19 6.27 -22.10
CA SER B 367 -8.32 7.43 -22.21
C SER B 367 -7.73 7.73 -20.84
N THR B 368 -6.49 8.21 -20.82
CA THR B 368 -5.84 8.50 -19.54
C THR B 368 -6.67 9.43 -18.66
N GLY B 369 -6.82 9.05 -17.39
CA GLY B 369 -7.60 9.83 -16.44
C GLY B 369 -7.40 11.32 -16.51
N GLY B 370 -6.15 11.74 -16.66
CA GLY B 370 -5.86 13.16 -16.76
C GLY B 370 -6.71 13.73 -17.89
N GLY B 371 -7.78 14.41 -17.50
CA GLY B 371 -8.70 14.98 -18.46
C GLY B 371 -8.12 15.84 -19.56
N ALA B 372 -8.21 15.36 -20.79
CA ALA B 372 -7.71 16.08 -21.96
C ALA B 372 -8.47 15.61 -23.19
N SER B 373 -9.31 14.59 -22.99
CA SER B 373 -10.11 14.01 -24.06
C SER B 373 -11.20 14.97 -24.54
N LEU B 374 -11.77 15.73 -23.61
CA LEU B 374 -12.82 16.68 -23.95
C LEU B 374 -12.30 17.79 -24.86
N GLU B 375 -11.14 18.34 -24.53
CA GLU B 375 -10.58 19.40 -25.34
C GLU B 375 -10.30 18.90 -26.75
N PHE B 376 -9.80 17.67 -26.87
CA PHE B 376 -9.51 17.10 -28.18
C PHE B 376 -10.81 16.94 -28.97
N LEU B 377 -11.85 16.42 -28.34
CA LEU B 377 -13.12 16.24 -29.04
C LEU B 377 -13.76 17.58 -29.38
N GLU B 378 -13.51 18.57 -28.54
CA GLU B 378 -14.07 19.92 -28.75
C GLU B 378 -13.39 20.62 -29.92
N LYS B 379 -12.06 20.64 -29.90
CA LYS B 379 -11.30 21.32 -30.94
C LYS B 379 -10.83 20.45 -32.11
N GLY B 380 -10.82 19.13 -31.94
CA GLY B 380 -10.38 18.26 -33.02
C GLY B 380 -8.88 18.05 -33.02
N THR B 381 -8.19 18.67 -32.07
CA THR B 381 -6.74 18.54 -31.97
C THR B 381 -6.21 19.11 -30.66
N LEU B 382 -4.90 19.01 -30.47
CA LEU B 382 -4.23 19.52 -29.28
C LEU B 382 -2.85 20.02 -29.67
N PRO B 383 -2.26 20.92 -28.86
CA PRO B 383 -0.93 21.47 -29.16
C PRO B 383 0.10 20.36 -29.40
N GLY B 384 0.07 19.34 -28.55
CA GLY B 384 0.99 18.22 -28.67
C GLY B 384 0.79 17.37 -29.90
N LEU B 385 -0.39 17.45 -30.52
CA LEU B 385 -0.66 16.68 -31.71
C LEU B 385 -0.21 17.46 -32.95
N GLU B 386 -0.41 18.77 -32.91
CA GLU B 386 -0.03 19.63 -34.04
C GLU B 386 1.45 19.54 -34.40
N VAL B 387 2.31 19.43 -33.39
CA VAL B 387 3.74 19.33 -33.64
C VAL B 387 4.13 17.99 -34.25
N LEU B 388 3.18 17.07 -34.31
CA LEU B 388 3.45 15.74 -34.88
C LEU B 388 2.88 15.62 -36.29
N GLU B 389 2.38 16.72 -36.83
CA GLU B 389 1.80 16.72 -38.17
C GLU B 389 2.48 17.75 -39.06
N GLY B 390 2.99 17.28 -40.19
CA GLY B 390 3.66 18.17 -41.12
C GLY B 390 2.70 19.14 -41.80
NA NA C . 12.44 -18.06 34.44
C1 GOL D . -9.35 -40.10 13.17
O1 GOL D . -9.29 -41.51 13.10
C2 GOL D . -9.28 -39.46 11.79
O2 GOL D . -10.36 -39.91 10.96
C3 GOL D . -9.34 -37.93 11.90
O3 GOL D . -8.25 -37.44 12.66
C1 GOL E . -10.60 -12.35 12.94
O1 GOL E . -10.94 -12.17 11.49
C2 GOL E . -10.50 -13.77 13.31
O2 GOL E . -9.36 -14.22 12.64
C3 GOL E . -10.18 -14.23 14.75
O3 GOL E . -10.17 -15.68 14.72
NA NA F . -15.30 20.81 -32.61
NA NA G . -17.02 -4.93 -26.70
C1 GOL H . 19.25 31.74 -21.73
O1 GOL H . 20.21 32.35 -22.59
C2 GOL H . 19.83 30.56 -20.96
O2 GOL H . 20.95 30.97 -20.16
C3 GOL H . 18.77 29.93 -20.06
O3 GOL H . 17.67 29.47 -20.83
C1 GOL I . 1.05 19.85 -3.97
O1 GOL I . 1.87 19.09 -3.08
C2 GOL I . 1.89 20.68 -4.93
O2 GOL I . 2.75 19.85 -5.72
C3 GOL I . 1.00 21.48 -5.88
O3 GOL I . 1.80 22.24 -6.76
#